data_5CYI
#
_entry.id   5CYI
#
_cell.length_a   74.286
_cell.length_b   135.289
_cell.length_c   148.673
_cell.angle_alpha   90.000
_cell.angle_beta   90.000
_cell.angle_gamma   90.000
#
_symmetry.space_group_name_H-M   'P 21 21 21'
#
loop_
_entity.id
_entity.type
_entity.pdbx_description
1 polymer 'Cyclin-dependent kinase 2'
2 polymer Cyclin-A2
3 non-polymer 6-(cyclohexylmethoxy)-N-[4-(ethylsulfonyl)phenyl]-9H-purin-2-amine
4 water water
#
loop_
_entity_poly.entity_id
_entity_poly.type
_entity_poly.pdbx_seq_one_letter_code
_entity_poly.pdbx_strand_id
1 'polypeptide(L)'
;GPLGSMENFQKVEKIGEGTYGVVYKARNKLTGEVVALKKIRLDTETEGVPSTAIREISLLKELNHPNIVKLLDVIHTENK
LYLVFEFLHQDLKKFMDASALTGIPLPLIKSYLFQLLQGLAFCHSHRVLHRDLKPQNLLINTEGAIKLADFGLARAFGVP
VRTY(TPO)HEVVTLWYRAPEILLGCKYYSTAVDIWSLGCIFAEMVTRRALFPGDSEIDQLFRIFRTLGTPDEVVWPGVT
SMPDYKPSFPKWARQDFSKVVPPLDEDGRSLLSQMLHYDPNKRISAKAALAHPFFQDVTKPVPHLRL
;
A,C
2 'polypeptide(L)'
;MEVPDYHEDIHTYLREMEVKCKPKVGYMKKQPDITNSMRAILVDWLVEVGEEYKLQNETLHLAVNYIDRFLSSMSVLRGK
LQLVGTAAMLLASKFEEIYPPEVAEFVYITDDTYTKKQVLRMEHLVLKVLTFDLAAPTVNQFLTQYFLHQQPANCKVESL
AMFLGELSLIDADPYLKYLPSVIAGAAFHLALYTVTGQSWPESLIRKTGYTLESLKPCLMDLHQTYLKAPQHAQQSIREK
YKNSKYHGVSLLNPPETLNL
;
B,D
#
loop_
_chem_comp.id
_chem_comp.type
_chem_comp.name
_chem_comp.formula
55S non-polymer 6-(cyclohexylmethoxy)-N-[4-(ethylsulfonyl)phenyl]-9H-purin-2-amine 'C20 H25 N5 O3 S'
#
# COMPACT_ATOMS: atom_id res chain seq x y z
N SER A 5 13.08 4.67 16.10
CA SER A 5 12.67 5.35 14.82
C SER A 5 13.93 5.65 14.00
N MET A 6 14.72 6.54 14.61
CA MET A 6 16.01 6.98 14.14
C MET A 6 17.13 6.13 14.72
N GLU A 7 16.79 5.16 15.56
CA GLU A 7 17.74 4.17 16.09
C GLU A 7 18.71 3.70 15.01
N ASN A 8 18.24 3.40 13.80
CA ASN A 8 19.12 2.76 12.79
C ASN A 8 19.98 3.73 12.00
N PHE A 9 19.83 5.04 12.21
CA PHE A 9 20.63 6.01 11.46
C PHE A 9 21.74 6.59 12.32
N GLN A 10 22.92 6.69 11.73
CA GLN A 10 24.09 7.31 12.35
C GLN A 10 24.38 8.60 11.57
N LYS A 11 24.19 9.78 12.18
CA LYS A 11 24.57 11.08 11.56
C LYS A 11 26.04 11.16 11.30
N VAL A 12 26.42 11.66 10.14
CA VAL A 12 27.83 11.80 9.75
C VAL A 12 28.24 13.30 9.76
N GLU A 13 27.47 14.18 9.15
CA GLU A 13 27.77 15.61 9.14
C GLU A 13 26.58 16.37 8.58
N LYS A 14 26.60 17.69 8.74
CA LYS A 14 25.56 18.55 8.20
C LYS A 14 25.91 18.92 6.77
N ILE A 15 24.93 18.91 5.88
CA ILE A 15 25.15 19.26 4.47
C ILE A 15 24.79 20.70 4.21
N GLY A 16 23.62 21.12 4.70
CA GLY A 16 23.14 22.46 4.45
C GLY A 16 21.67 22.66 4.82
N GLU A 17 21.19 23.85 4.51
CA GLU A 17 19.82 24.27 4.80
C GLU A 17 19.22 24.76 3.50
N GLY A 18 18.15 24.13 3.02
CA GLY A 18 17.51 24.54 1.77
C GLY A 18 16.35 25.46 2.10
N THR A 19 15.26 25.34 1.35
CA THR A 19 14.09 26.19 1.53
C THR A 19 13.53 26.07 2.99
N TYR A 20 13.54 24.87 3.56
CA TYR A 20 13.13 24.70 4.98
C TYR A 20 13.90 23.51 5.57
N GLY A 21 13.99 23.44 6.90
CA GLY A 21 14.62 22.33 7.58
C GLY A 21 16.12 22.36 7.42
N VAL A 22 16.78 21.27 7.84
CA VAL A 22 18.24 21.11 7.73
C VAL A 22 18.51 19.73 7.15
N VAL A 23 19.52 19.60 6.31
CA VAL A 23 19.86 18.32 5.72
C VAL A 23 21.21 17.83 6.26
N TYR A 24 21.21 16.58 6.74
CA TYR A 24 22.43 15.89 7.19
C TYR A 24 22.70 14.70 6.33
N LYS A 25 23.96 14.33 6.24
CA LYS A 25 24.37 13.02 5.75
C LYS A 25 24.30 12.04 6.90
N ALA A 26 23.77 10.84 6.66
CA ALA A 26 23.66 9.81 7.68
C ALA A 26 23.87 8.45 7.04
N ARG A 27 24.10 7.40 7.84
CA ARG A 27 24.04 6.06 7.34
C ARG A 27 23.22 5.09 8.13
N ASN A 28 22.57 4.21 7.37
CA ASN A 28 21.75 3.16 7.91
C ASN A 28 22.72 2.12 8.45
N LYS A 29 22.62 1.84 9.73
CA LYS A 29 23.56 0.93 10.37
C LYS A 29 23.37 -0.53 9.99
N LEU A 30 22.14 -0.89 9.63
CA LEU A 30 21.81 -2.26 9.35
C LEU A 30 22.08 -2.64 7.90
N THR A 31 21.80 -1.73 6.97
CA THR A 31 21.95 -2.00 5.56
C THR A 31 23.19 -1.38 4.96
N GLY A 32 23.80 -0.39 5.61
CA GLY A 32 24.97 0.33 5.09
C GLY A 32 24.63 1.52 4.20
N GLU A 33 23.37 1.71 3.88
CA GLU A 33 22.96 2.78 2.97
C GLU A 33 23.29 4.16 3.53
N VAL A 34 23.94 4.97 2.71
CA VAL A 34 24.17 6.36 3.03
C VAL A 34 22.94 7.13 2.55
N VAL A 35 22.40 8.01 3.39
CA VAL A 35 21.20 8.77 3.10
C VAL A 35 21.39 10.24 3.43
N ALA A 36 20.55 11.09 2.85
CA ALA A 36 20.39 12.44 3.33
C ALA A 36 19.12 12.49 4.19
N LEU A 37 19.26 13.03 5.41
CA LEU A 37 18.13 13.19 6.34
C LEU A 37 17.77 14.65 6.43
N LYS A 38 16.51 14.97 6.14
CA LYS A 38 16.01 16.33 6.29
C LYS A 38 15.21 16.38 7.54
N LYS A 39 15.72 17.16 8.49
CA LYS A 39 15.07 17.37 9.76
C LYS A 39 14.23 18.65 9.73
N ILE A 40 12.99 18.49 10.17
CA ILE A 40 11.93 19.52 10.15
C ILE A 40 11.39 19.62 11.57
N ARG A 41 11.49 20.82 12.14
CA ARG A 41 10.99 21.11 13.47
C ARG A 41 9.52 21.40 13.39
N LEU A 42 8.78 20.72 14.22
CA LEU A 42 7.37 20.97 14.41
C LEU A 42 7.15 21.88 15.63
N ASP A 43 7.76 21.66 16.82
CA ASP A 43 7.50 22.58 17.99
C ASP A 43 7.77 24.08 17.76
N THR A 44 8.61 24.42 16.77
CA THR A 44 8.78 25.76 16.26
C THR A 44 7.50 26.35 15.61
N GLU A 45 6.58 25.48 15.20
CA GLU A 45 5.30 25.81 14.66
C GLU A 45 4.30 25.20 15.62
N THR A 46 3.86 26.11 16.41
CA THR A 46 2.51 25.97 16.80
C THR A 46 1.66 26.77 15.75
N GLU A 47 2.13 26.80 14.46
CA GLU A 47 1.29 26.61 13.26
C GLU A 47 1.19 25.13 12.72
N GLY A 48 1.90 24.17 13.33
CA GLY A 48 1.83 22.74 12.98
C GLY A 48 2.81 22.31 11.89
N VAL A 49 2.37 21.38 11.03
CA VAL A 49 3.22 20.89 9.94
C VAL A 49 3.28 21.94 8.83
N PRO A 50 4.50 22.35 8.45
CA PRO A 50 4.54 23.49 7.49
C PRO A 50 4.05 23.12 6.09
N SER A 51 3.41 24.08 5.41
CA SER A 51 2.91 23.85 4.04
C SER A 51 3.99 23.33 3.10
N THR A 52 5.21 23.84 3.22
CA THR A 52 6.30 23.34 2.38
C THR A 52 6.58 21.84 2.51
N ALA A 53 6.48 21.32 3.73
CA ALA A 53 6.66 19.89 4.00
C ALA A 53 5.50 19.10 3.46
N ILE A 54 4.29 19.54 3.73
CA ILE A 54 3.09 18.91 3.20
C ILE A 54 3.12 18.76 1.65
N ARG A 55 3.56 19.81 0.96
CA ARG A 55 3.72 19.77 -0.51
C ARG A 55 4.89 18.90 -0.93
N GLU A 56 6.08 19.13 -0.39
CA GLU A 56 7.23 18.36 -0.76
C GLU A 56 6.98 16.85 -0.62
N ILE A 57 6.38 16.41 0.48
CA ILE A 57 6.18 15.00 0.76
C ILE A 57 5.10 14.38 -0.13
N SER A 58 3.93 15.00 -0.18
CA SER A 58 2.82 14.47 -1.00
C SER A 58 3.24 14.37 -2.48
N LEU A 59 3.99 15.35 -2.97
CA LEU A 59 4.41 15.36 -4.38
C LEU A 59 5.56 14.43 -4.65
N LEU A 60 6.53 14.41 -3.73
CA LEU A 60 7.67 13.54 -3.92
C LEU A 60 7.36 12.06 -3.80
N LYS A 61 6.33 11.71 -3.04
CA LYS A 61 5.88 10.32 -3.04
C LYS A 61 5.33 9.85 -4.39
N GLU A 62 4.74 10.75 -5.16
CA GLU A 62 4.25 10.45 -6.51
C GLU A 62 5.35 10.45 -7.56
N LEU A 63 6.42 11.20 -7.36
CA LEU A 63 7.38 11.41 -8.40
C LEU A 63 8.57 10.48 -8.29
N ASN A 64 8.43 9.30 -8.85
CA ASN A 64 9.53 8.35 -8.87
C ASN A 64 10.22 8.28 -10.24
N HIS A 65 11.44 8.78 -10.31
CA HIS A 65 12.11 8.94 -11.60
C HIS A 65 13.63 8.99 -11.37
N PRO A 66 14.43 8.44 -12.28
CA PRO A 66 15.90 8.44 -12.03
C PRO A 66 16.59 9.83 -11.91
N ASN A 67 15.96 10.89 -12.42
CA ASN A 67 16.46 12.27 -12.31
C ASN A 67 15.69 13.15 -11.38
N ILE A 68 14.99 12.54 -10.43
CA ILE A 68 14.34 13.25 -9.36
C ILE A 68 14.82 12.58 -8.10
N VAL A 69 15.26 13.37 -7.14
N VAL A 69 15.26 13.37 -7.14
CA VAL A 69 15.75 12.84 -5.89
CA VAL A 69 15.75 12.83 -5.90
C VAL A 69 14.66 11.99 -5.20
C VAL A 69 14.65 11.98 -5.21
N LYS A 70 15.06 10.81 -4.75
CA LYS A 70 14.12 9.81 -4.24
C LYS A 70 13.88 9.92 -2.75
N LEU A 71 12.60 10.08 -2.36
CA LEU A 71 12.20 10.11 -0.97
C LEU A 71 12.00 8.68 -0.56
N LEU A 72 12.84 8.21 0.35
CA LEU A 72 12.80 6.83 0.82
C LEU A 72 11.82 6.56 1.96
N ASP A 73 11.68 7.51 2.87
CA ASP A 73 10.90 7.27 4.10
C ASP A 73 10.58 8.59 4.76
N VAL A 74 9.54 8.57 5.58
CA VAL A 74 9.14 9.71 6.39
C VAL A 74 8.98 9.20 7.82
N ILE A 75 9.72 9.79 8.75
CA ILE A 75 9.75 9.33 10.13
C ILE A 75 9.21 10.44 11.03
N HIS A 76 8.13 10.13 11.72
CA HIS A 76 7.41 11.04 12.62
C HIS A 76 7.91 11.02 14.07
N THR A 77 7.81 12.18 14.70
CA THR A 77 7.72 12.27 16.17
C THR A 77 6.53 13.23 16.34
N GLU A 78 6.13 13.39 17.60
CA GLU A 78 5.39 14.58 17.97
C GLU A 78 6.11 15.90 17.60
N ASN A 79 7.46 15.94 17.67
CA ASN A 79 8.26 17.19 17.59
C ASN A 79 9.11 17.40 16.34
N LYS A 80 9.36 16.31 15.63
CA LYS A 80 10.27 16.30 14.51
C LYS A 80 9.71 15.39 13.42
N LEU A 81 9.94 15.79 12.19
CA LEU A 81 9.68 14.96 11.06
C LEU A 81 11.03 14.83 10.39
N TYR A 82 11.39 13.61 10.02
CA TYR A 82 12.62 13.35 9.29
C TYR A 82 12.21 12.75 7.96
N LEU A 83 12.70 13.34 6.89
CA LEU A 83 12.57 12.80 5.55
C LEU A 83 13.89 12.12 5.23
N VAL A 84 13.80 10.88 4.78
CA VAL A 84 14.95 10.11 4.39
C VAL A 84 15.02 10.10 2.86
N PHE A 85 16.11 10.63 2.32
CA PHE A 85 16.35 10.68 0.89
C PHE A 85 17.56 9.86 0.49
N GLU A 86 17.58 9.37 -0.74
CA GLU A 86 18.83 8.96 -1.33
C GLU A 86 19.85 10.10 -1.21
N PHE A 87 21.11 9.73 -0.97
CA PHE A 87 22.20 10.69 -0.81
C PHE A 87 22.87 10.91 -2.16
N LEU A 88 23.07 12.15 -2.54
CA LEU A 88 23.93 12.44 -3.69
C LEU A 88 25.21 13.12 -3.19
N HIS A 89 26.23 13.17 -4.04
CA HIS A 89 27.61 13.50 -3.64
C HIS A 89 27.95 15.00 -3.65
N GLN A 90 27.46 15.77 -4.62
CA GLN A 90 27.56 17.22 -4.52
C GLN A 90 26.55 17.94 -5.40
N ASP A 91 26.47 19.25 -5.24
CA ASP A 91 25.61 20.05 -6.10
C ASP A 91 26.36 20.56 -7.32
N LEU A 92 25.58 21.04 -8.28
CA LEU A 92 26.13 21.44 -9.57
C LEU A 92 26.95 22.72 -9.43
N LYS A 93 26.55 23.59 -8.50
CA LYS A 93 27.30 24.81 -8.20
C LYS A 93 28.74 24.48 -7.78
N LYS A 94 28.90 23.70 -6.74
CA LYS A 94 30.21 23.21 -6.32
C LYS A 94 31.02 22.61 -7.46
N PHE A 95 30.36 21.78 -8.26
CA PHE A 95 31.01 21.09 -9.38
C PHE A 95 31.49 22.07 -10.43
N MET A 96 30.71 23.11 -10.69
CA MET A 96 31.08 24.16 -11.62
C MET A 96 32.30 24.93 -11.13
N ASP A 97 32.36 25.27 -9.85
CA ASP A 97 33.54 25.94 -9.26
C ASP A 97 34.77 25.06 -9.34
N ALA A 98 34.63 23.79 -8.99
CA ALA A 98 35.71 22.80 -9.10
C ALA A 98 36.26 22.68 -10.51
N SER A 99 35.39 22.97 -11.49
CA SER A 99 35.71 22.96 -12.92
C SER A 99 36.23 24.30 -13.51
N ALA A 100 36.38 25.34 -12.67
CA ALA A 100 36.70 26.74 -13.08
C ALA A 100 37.87 26.87 -14.05
N LEU A 101 39.02 26.36 -13.61
CA LEU A 101 40.20 26.35 -14.45
C LEU A 101 39.94 25.46 -15.70
N THR A 102 39.70 24.17 -15.50
CA THR A 102 39.63 23.20 -16.61
C THR A 102 38.34 23.19 -17.53
N GLY A 103 37.22 23.82 -17.13
CA GLY A 103 35.92 23.75 -17.87
C GLY A 103 35.10 22.42 -17.79
N ILE A 104 33.78 22.49 -17.88
CA ILE A 104 32.96 21.24 -17.94
C ILE A 104 32.92 20.72 -19.37
N PRO A 105 33.40 19.48 -19.64
CA PRO A 105 33.34 18.96 -21.04
C PRO A 105 31.91 18.97 -21.64
N LEU A 106 31.80 19.24 -22.94
CA LEU A 106 30.51 19.33 -23.63
C LEU A 106 29.65 18.05 -23.48
N PRO A 107 30.27 16.86 -23.68
CA PRO A 107 29.51 15.61 -23.47
C PRO A 107 28.79 15.57 -22.11
N LEU A 108 29.45 16.05 -21.08
CA LEU A 108 28.88 16.05 -19.74
C LEU A 108 27.78 17.11 -19.57
N ILE A 109 27.96 18.27 -20.19
CA ILE A 109 26.94 19.32 -20.19
C ILE A 109 25.69 18.81 -20.87
N LYS A 110 25.90 18.21 -22.02
CA LYS A 110 24.83 17.63 -22.82
C LYS A 110 24.08 16.55 -22.04
N SER A 111 24.83 15.61 -21.48
CA SER A 111 24.27 14.54 -20.61
C SER A 111 23.43 15.15 -19.46
N TYR A 112 23.99 16.14 -18.76
CA TYR A 112 23.28 16.74 -17.62
C TYR A 112 22.01 17.46 -18.06
N LEU A 113 22.09 18.22 -19.15
CA LEU A 113 20.92 18.90 -19.62
C LEU A 113 19.79 17.91 -20.05
N PHE A 114 20.20 16.83 -20.74
CA PHE A 114 19.28 15.80 -21.20
C PHE A 114 18.57 15.18 -20.01
N GLN A 115 19.33 14.79 -18.99
CA GLN A 115 18.80 14.22 -17.77
C GLN A 115 17.86 15.15 -17.01
N LEU A 116 18.22 16.43 -16.92
CA LEU A 116 17.39 17.41 -16.24
C LEU A 116 16.09 17.61 -16.96
N LEU A 117 16.15 17.64 -18.30
CA LEU A 117 14.92 17.74 -19.08
C LEU A 117 14.02 16.48 -18.88
N GLN A 118 14.61 15.32 -18.74
CA GLN A 118 13.79 14.11 -18.45
C GLN A 118 13.10 14.27 -17.12
N GLY A 119 13.84 14.73 -16.13
CA GLY A 119 13.26 14.93 -14.78
C GLY A 119 12.15 15.94 -14.77
N LEU A 120 12.40 17.04 -15.46
CA LEU A 120 11.39 18.10 -15.58
C LEU A 120 10.14 17.67 -16.35
N ALA A 121 10.35 16.95 -17.47
CA ALA A 121 9.21 16.46 -18.25
C ALA A 121 8.32 15.55 -17.39
N PHE A 122 8.97 14.69 -16.62
CA PHE A 122 8.26 13.87 -15.64
C PHE A 122 7.42 14.71 -14.64
N CYS A 123 8.04 15.71 -14.03
CA CYS A 123 7.32 16.64 -13.14
C CYS A 123 6.11 17.26 -13.83
N HIS A 124 6.33 17.81 -15.00
CA HIS A 124 5.29 18.55 -15.71
C HIS A 124 4.11 17.62 -16.15
N SER A 125 4.44 16.41 -16.63
CA SER A 125 3.46 15.33 -16.89
C SER A 125 2.65 14.89 -15.70
N HIS A 126 3.18 15.14 -14.49
CA HIS A 126 2.47 14.79 -13.25
C HIS A 126 1.95 15.99 -12.50
N ARG A 127 1.64 17.02 -13.24
CA ARG A 127 1.09 18.28 -12.78
C ARG A 127 1.85 18.92 -11.62
N VAL A 128 3.18 18.89 -11.68
CA VAL A 128 4.04 19.52 -10.67
C VAL A 128 4.94 20.58 -11.28
N LEU A 129 4.90 21.79 -10.71
CA LEU A 129 5.91 22.82 -11.00
C LEU A 129 6.99 22.79 -9.94
N HIS A 130 8.25 22.87 -10.32
CA HIS A 130 9.32 22.87 -9.34
C HIS A 130 9.46 24.28 -8.69
N ARG A 131 9.60 25.30 -9.54
CA ARG A 131 9.65 26.71 -9.15
C ARG A 131 10.88 27.17 -8.38
N ASP A 132 11.97 26.44 -8.46
CA ASP A 132 13.22 26.85 -7.80
C ASP A 132 14.42 26.10 -8.36
N LEU A 133 14.46 25.95 -9.70
CA LEU A 133 15.61 25.29 -10.30
C LEU A 133 16.79 26.25 -10.24
N LYS A 134 17.91 25.79 -9.74
CA LYS A 134 19.15 26.59 -9.70
C LYS A 134 20.21 25.61 -9.39
N PRO A 135 21.48 25.94 -9.63
CA PRO A 135 22.53 24.89 -9.49
C PRO A 135 22.71 24.27 -8.13
N GLN A 136 22.31 24.99 -7.07
CA GLN A 136 22.38 24.51 -5.69
C GLN A 136 21.37 23.40 -5.42
N ASN A 137 20.30 23.36 -6.23
CA ASN A 137 19.22 22.36 -6.11
C ASN A 137 19.35 21.19 -7.09
N LEU A 138 20.49 21.07 -7.75
CA LEU A 138 20.70 20.05 -8.76
C LEU A 138 21.88 19.25 -8.29
N LEU A 139 21.66 17.97 -8.03
CA LEU A 139 22.61 17.19 -7.30
C LEU A 139 23.13 16.10 -8.21
N ILE A 140 24.43 15.85 -8.14
CA ILE A 140 25.10 14.89 -9.02
C ILE A 140 25.70 13.77 -8.21
N ASN A 141 25.93 12.63 -8.87
CA ASN A 141 26.64 11.52 -8.24
C ASN A 141 27.92 11.12 -9.01
N THR A 142 28.62 10.14 -8.46
CA THR A 142 29.90 9.73 -9.03
C THR A 142 29.72 8.91 -10.28
N GLU A 143 28.47 8.46 -10.54
CA GLU A 143 28.13 7.69 -11.75
C GLU A 143 27.61 8.44 -13.00
N GLY A 144 27.58 9.76 -12.96
CA GLY A 144 27.16 10.57 -14.11
C GLY A 144 25.70 10.99 -14.07
N ALA A 145 24.99 10.67 -13.00
CA ALA A 145 23.62 11.14 -12.84
C ALA A 145 23.53 12.57 -12.28
N ILE A 146 22.48 13.28 -12.68
CA ILE A 146 22.10 14.54 -12.05
C ILE A 146 20.60 14.49 -11.77
N LYS A 147 20.18 15.08 -10.66
CA LYS A 147 18.80 14.97 -10.20
C LYS A 147 18.25 16.25 -9.63
N LEU A 148 16.96 16.50 -9.86
CA LEU A 148 16.26 17.61 -9.28
C LEU A 148 16.04 17.38 -7.79
N ALA A 149 16.34 18.38 -6.99
CA ALA A 149 16.21 18.29 -5.53
C ALA A 149 15.58 19.59 -4.99
N ASP A 150 15.35 19.60 -3.68
CA ASP A 150 14.61 20.64 -2.96
C ASP A 150 13.27 21.07 -3.61
N PHE A 151 12.25 20.25 -3.36
CA PHE A 151 10.92 20.50 -3.82
C PHE A 151 10.10 21.28 -2.80
N GLY A 152 10.74 22.01 -1.88
CA GLY A 152 10.01 22.80 -0.92
C GLY A 152 9.24 24.00 -1.46
N LEU A 153 9.58 24.44 -2.67
CA LEU A 153 8.86 25.54 -3.34
C LEU A 153 7.93 25.01 -4.44
N ALA A 154 7.84 23.70 -4.56
CA ALA A 154 7.03 23.07 -5.60
C ALA A 154 5.54 23.17 -5.31
N ARG A 155 4.76 23.05 -6.38
CA ARG A 155 3.33 22.85 -6.23
C ARG A 155 2.62 22.06 -7.34
N ALA A 156 1.47 21.51 -6.94
CA ALA A 156 0.53 20.86 -7.83
C ALA A 156 -0.32 21.87 -8.60
N PHE A 157 -0.32 21.77 -9.93
CA PHE A 157 -1.10 22.72 -10.77
C PHE A 157 -2.32 22.07 -11.39
N GLY A 158 -3.24 22.92 -11.83
CA GLY A 158 -4.45 22.47 -12.51
C GLY A 158 -4.37 22.89 -13.97
N VAL A 159 -5.26 22.34 -14.78
CA VAL A 159 -5.30 22.64 -16.22
C VAL A 159 -6.70 23.21 -16.50
N PRO A 160 -6.84 24.46 -16.96
CA PRO A 160 -5.75 25.42 -17.06
C PRO A 160 -5.36 25.97 -15.68
N VAL A 161 -4.18 26.57 -15.58
CA VAL A 161 -3.70 27.05 -14.28
C VAL A 161 -4.57 28.16 -13.75
N ARG A 162 -4.52 28.37 -12.44
CA ARG A 162 -4.81 29.71 -11.92
C ARG A 162 -3.55 30.53 -11.46
N THR A 163 -3.84 31.70 -10.90
CA THR A 163 -2.87 32.52 -10.22
C THR A 163 -2.28 31.77 -9.06
N TYR A 164 -0.96 31.65 -9.05
CA TYR A 164 -0.24 31.01 -7.97
C TYR A 164 0.66 32.08 -7.30
N TPO A 165 1.38 31.67 -6.26
CA TPO A 165 2.27 32.54 -5.48
CB TPO A 165 3.06 31.74 -4.44
CG2 TPO A 165 3.93 32.64 -3.55
OG1 TPO A 165 2.15 31.01 -3.61
P TPO A 165 2.05 29.37 -3.69
O1P TPO A 165 3.44 28.94 -3.28
O2P TPO A 165 1.79 29.12 -5.12
O3P TPO A 165 0.87 29.00 -2.80
C TPO A 165 3.22 33.28 -6.39
O TPO A 165 3.87 32.65 -7.24
N HIS A 166 3.30 34.61 -6.25
CA HIS A 166 4.18 35.47 -7.06
C HIS A 166 5.65 35.40 -6.67
N GLU A 167 5.91 35.23 -5.38
CA GLU A 167 7.26 35.39 -4.82
C GLU A 167 7.92 34.07 -5.05
N VAL A 168 8.38 33.86 -6.29
CA VAL A 168 8.74 32.49 -6.70
C VAL A 168 9.93 32.46 -7.67
N VAL A 169 10.80 31.47 -7.47
CA VAL A 169 12.05 31.23 -8.20
C VAL A 169 13.13 32.19 -7.71
N THR A 170 14.35 31.71 -7.55
CA THR A 170 15.46 32.59 -7.18
C THR A 170 15.67 33.63 -8.32
N LEU A 171 15.98 34.86 -7.93
CA LEU A 171 15.97 36.01 -8.83
C LEU A 171 16.70 35.75 -10.19
N TRP A 172 17.94 35.30 -10.14
CA TRP A 172 18.77 35.08 -11.33
C TRP A 172 18.16 34.10 -12.39
N TYR A 173 17.26 33.22 -11.91
CA TYR A 173 16.68 32.13 -12.71
C TYR A 173 15.18 32.36 -12.95
N ARG A 174 14.71 33.56 -12.64
CA ARG A 174 13.27 33.88 -12.69
C ARG A 174 12.83 34.38 -14.07
N ALA A 175 11.74 33.79 -14.56
CA ALA A 175 11.23 34.07 -15.90
C ALA A 175 10.61 35.47 -16.04
N PRO A 176 10.61 36.01 -17.27
CA PRO A 176 10.12 37.38 -17.45
C PRO A 176 8.66 37.52 -17.13
N GLU A 177 7.85 36.50 -17.38
CA GLU A 177 6.40 36.60 -17.06
C GLU A 177 6.12 36.75 -15.56
N ILE A 178 6.99 36.22 -14.70
CA ILE A 178 6.85 36.42 -13.25
C ILE A 178 7.30 37.88 -12.89
N LEU A 179 8.47 38.29 -13.37
CA LEU A 179 8.99 39.67 -13.19
C LEU A 179 8.02 40.72 -13.70
N LEU A 180 7.28 40.46 -14.77
CA LEU A 180 6.32 41.43 -15.26
C LEU A 180 4.96 41.30 -14.57
N GLY A 181 4.82 40.41 -13.60
CA GLY A 181 3.61 40.38 -12.78
C GLY A 181 2.43 39.72 -13.49
N CYS A 182 2.68 38.76 -14.36
CA CYS A 182 1.56 38.11 -15.08
C CYS A 182 0.65 37.36 -14.12
N LYS A 183 -0.62 37.42 -14.43
CA LYS A 183 -1.65 36.74 -13.65
C LYS A 183 -1.51 35.19 -13.59
N TYR A 184 -1.08 34.62 -14.69
CA TYR A 184 -0.88 33.21 -14.84
C TYR A 184 0.56 32.97 -15.24
N TYR A 185 1.12 31.92 -14.66
CA TYR A 185 2.34 31.28 -15.13
C TYR A 185 2.19 29.75 -14.97
N SER A 186 3.10 29.05 -15.63
CA SER A 186 3.04 27.63 -15.74
C SER A 186 4.41 26.97 -15.94
N THR A 187 4.42 25.82 -16.64
CA THR A 187 5.58 24.98 -16.77
C THR A 187 6.77 25.67 -17.44
N ALA A 188 6.46 26.60 -18.33
CA ALA A 188 7.46 27.43 -19.01
C ALA A 188 8.43 28.14 -18.01
N VAL A 189 7.99 28.42 -16.78
CA VAL A 189 8.92 29.07 -15.81
C VAL A 189 10.10 28.14 -15.45
N ASP A 190 9.83 26.84 -15.37
CA ASP A 190 10.90 25.88 -15.06
C ASP A 190 11.88 25.75 -16.26
N ILE A 191 11.35 25.78 -17.48
CA ILE A 191 12.20 25.72 -18.67
C ILE A 191 13.12 26.93 -18.74
N TRP A 192 12.56 28.10 -18.44
CA TRP A 192 13.37 29.36 -18.37
C TRP A 192 14.55 29.15 -17.44
N SER A 193 14.29 28.70 -16.19
CA SER A 193 15.37 28.39 -15.28
C SER A 193 16.43 27.46 -15.84
N LEU A 194 15.97 26.39 -16.48
CA LEU A 194 16.89 25.44 -17.06
C LEU A 194 17.73 26.04 -18.21
N GLY A 195 17.12 26.89 -19.01
CA GLY A 195 17.85 27.57 -20.07
C GLY A 195 19.01 28.43 -19.49
N CYS A 196 18.73 29.09 -18.35
CA CYS A 196 19.76 29.93 -17.68
C CYS A 196 20.88 29.05 -17.17
N ILE A 197 20.52 27.81 -16.75
CA ILE A 197 21.49 26.85 -16.22
C ILE A 197 22.32 26.18 -17.29
N PHE A 198 21.71 25.91 -18.43
CA PHE A 198 22.45 25.45 -19.62
C PHE A 198 23.56 26.49 -19.99
N ALA A 199 23.17 27.75 -20.16
CA ALA A 199 24.16 28.83 -20.47
C ALA A 199 25.26 28.89 -19.44
N GLU A 200 24.88 28.72 -18.17
CA GLU A 200 25.79 28.73 -17.05
C GLU A 200 26.78 27.58 -17.02
N MET A 201 26.37 26.37 -17.38
CA MET A 201 27.34 25.26 -17.47
C MET A 201 28.41 25.53 -18.54
N VAL A 202 28.02 26.16 -19.63
CA VAL A 202 28.93 26.43 -20.74
C VAL A 202 29.98 27.50 -20.38
N THR A 203 29.52 28.68 -19.95
CA THR A 203 30.37 29.86 -19.59
C THR A 203 30.98 29.76 -18.14
N ARG A 204 30.27 29.11 -17.25
CA ARG A 204 30.63 29.12 -15.83
C ARG A 204 30.35 30.42 -15.12
N ARG A 205 29.45 31.21 -15.67
CA ARG A 205 28.89 32.32 -14.92
C ARG A 205 27.39 32.44 -15.21
N ALA A 206 26.68 32.97 -14.23
CA ALA A 206 25.26 33.13 -14.36
C ALA A 206 24.97 34.06 -15.51
N LEU A 207 23.95 33.69 -16.27
CA LEU A 207 23.60 34.40 -17.45
C LEU A 207 23.02 35.79 -17.11
N PHE A 208 22.20 35.87 -16.07
CA PHE A 208 21.51 37.12 -15.73
C PHE A 208 21.60 37.36 -14.19
N PRO A 209 22.80 37.68 -13.67
CA PRO A 209 22.93 37.87 -12.23
C PRO A 209 22.44 39.23 -11.74
N GLY A 210 21.14 39.51 -11.80
CA GLY A 210 20.58 40.80 -11.39
C GLY A 210 20.57 41.05 -9.86
N ASP A 211 20.55 42.32 -9.47
CA ASP A 211 20.54 42.71 -8.06
C ASP A 211 19.17 43.14 -7.58
N SER A 212 18.19 43.26 -8.47
CA SER A 212 16.81 43.64 -8.10
C SER A 212 15.92 43.16 -9.22
N GLU A 213 14.61 43.27 -9.07
CA GLU A 213 13.69 42.88 -10.12
C GLU A 213 13.91 43.68 -11.40
N ILE A 214 14.10 44.99 -11.27
CA ILE A 214 14.28 45.86 -12.45
C ILE A 214 15.66 45.63 -13.07
N ASP A 215 16.69 45.41 -12.28
CA ASP A 215 18.00 45.09 -12.81
C ASP A 215 17.98 43.74 -13.58
N GLN A 216 17.32 42.75 -13.00
CA GLN A 216 17.11 41.45 -13.66
C GLN A 216 16.46 41.60 -15.06
N LEU A 217 15.34 42.32 -15.14
CA LEU A 217 14.62 42.61 -16.39
C LEU A 217 15.52 43.27 -17.40
N PHE A 218 16.24 44.30 -16.96
CA PHE A 218 17.15 45.02 -17.85
C PHE A 218 18.32 44.17 -18.33
N ARG A 219 18.84 43.27 -17.52
CA ARG A 219 19.85 42.33 -17.97
C ARG A 219 19.34 41.36 -19.03
N ILE A 220 18.14 40.85 -18.81
CA ILE A 220 17.46 39.97 -19.79
C ILE A 220 17.26 40.73 -21.13
N PHE A 221 16.66 41.94 -21.05
CA PHE A 221 16.37 42.78 -22.23
C PHE A 221 17.65 43.12 -23.01
N ARG A 222 18.78 43.36 -22.35
CA ARG A 222 20.06 43.59 -23.09
C ARG A 222 20.61 42.44 -23.85
N THR A 223 20.25 41.23 -23.44
CA THR A 223 20.72 40.02 -24.11
C THR A 223 19.75 39.57 -25.21
N LEU A 224 18.46 39.59 -24.91
CA LEU A 224 17.46 39.05 -25.80
C LEU A 224 16.65 40.08 -26.54
N GLY A 225 16.88 41.38 -26.27
CA GLY A 225 16.11 42.46 -26.88
C GLY A 225 14.97 42.80 -25.97
N THR A 226 14.58 44.08 -25.93
CA THR A 226 13.35 44.44 -25.21
C THR A 226 12.11 43.87 -25.94
N PRO A 227 11.25 43.12 -25.24
CA PRO A 227 10.15 42.50 -26.04
C PRO A 227 9.08 43.53 -26.40
N ASP A 228 8.54 43.39 -27.59
CA ASP A 228 7.39 44.17 -28.02
C ASP A 228 6.22 43.22 -28.40
N GLU A 229 5.12 43.82 -28.85
CA GLU A 229 3.92 43.12 -29.28
C GLU A 229 4.14 42.11 -30.40
N VAL A 230 5.11 42.37 -31.28
CA VAL A 230 5.49 41.40 -32.31
C VAL A 230 6.15 40.15 -31.70
N VAL A 231 7.15 40.31 -30.83
CA VAL A 231 7.84 39.13 -30.30
C VAL A 231 6.99 38.42 -29.20
N TRP A 232 6.19 39.17 -28.45
CA TRP A 232 5.45 38.62 -27.34
C TRP A 232 4.13 39.32 -27.22
N PRO A 233 3.07 38.80 -27.91
CA PRO A 233 1.75 39.50 -27.86
C PRO A 233 1.20 39.65 -26.45
N GLY A 234 0.72 40.85 -26.11
CA GLY A 234 0.31 41.15 -24.76
C GLY A 234 1.35 41.69 -23.78
N VAL A 235 2.68 41.65 -24.06
CA VAL A 235 3.66 42.22 -23.10
C VAL A 235 3.29 43.59 -22.60
N THR A 236 2.89 44.47 -23.51
CA THR A 236 2.73 45.91 -23.22
C THR A 236 1.53 46.18 -22.31
N SER A 237 0.64 45.22 -22.12
CA SER A 237 -0.47 45.33 -21.15
C SER A 237 -0.20 44.62 -19.85
N MET A 238 0.93 43.93 -19.73
CA MET A 238 1.24 43.23 -18.50
C MET A 238 1.44 44.19 -17.32
N PRO A 239 1.07 43.76 -16.10
CA PRO A 239 0.93 44.71 -15.01
C PRO A 239 2.18 45.53 -14.70
N ASP A 240 3.35 44.91 -14.73
CA ASP A 240 4.57 45.64 -14.37
C ASP A 240 5.42 46.01 -15.60
N TYR A 241 4.82 45.98 -16.78
CA TYR A 241 5.50 46.55 -17.94
C TYR A 241 5.41 48.09 -17.87
N LYS A 242 6.49 48.78 -18.24
CA LYS A 242 6.46 50.26 -18.27
C LYS A 242 6.79 50.67 -19.70
N PRO A 243 6.03 51.59 -20.30
CA PRO A 243 6.42 52.07 -21.62
C PRO A 243 7.74 52.85 -21.63
N SER A 244 8.20 53.32 -20.47
CA SER A 244 9.52 53.91 -20.35
C SER A 244 10.68 52.91 -20.43
N PHE A 245 10.44 51.60 -20.36
CA PHE A 245 11.54 50.63 -20.45
C PHE A 245 12.42 50.96 -21.63
N PRO A 246 13.74 50.93 -21.41
CA PRO A 246 14.62 51.13 -22.58
C PRO A 246 14.41 50.05 -23.62
N LYS A 247 14.58 50.43 -24.90
CA LYS A 247 14.35 49.50 -25.99
C LYS A 247 15.68 49.01 -26.54
N TRP A 248 16.21 47.91 -26.02
CA TRP A 248 17.50 47.38 -26.50
C TRP A 248 17.31 46.36 -27.64
N ALA A 249 18.26 46.37 -28.55
CA ALA A 249 18.25 45.50 -29.70
C ALA A 249 18.70 44.13 -29.20
N ARG A 250 18.26 43.09 -29.89
CA ARG A 250 18.54 41.71 -29.50
C ARG A 250 19.96 41.33 -29.88
N GLN A 251 20.62 40.58 -29.00
CA GLN A 251 21.96 40.07 -29.31
C GLN A 251 21.83 38.76 -30.06
N ASP A 252 22.70 38.62 -31.03
CA ASP A 252 22.80 37.37 -31.77
C ASP A 252 23.45 36.35 -30.82
N PHE A 253 22.86 35.18 -30.75
CA PHE A 253 23.19 34.12 -29.78
C PHE A 253 24.56 33.57 -29.79
N SER A 254 25.23 33.63 -30.94
CA SER A 254 26.64 33.25 -30.99
C SER A 254 27.50 34.17 -30.12
N LYS A 255 27.00 35.36 -29.75
CA LYS A 255 27.71 36.19 -28.77
C LYS A 255 27.27 35.90 -27.35
N VAL A 256 26.05 35.41 -27.16
CA VAL A 256 25.53 35.09 -25.82
C VAL A 256 26.30 33.94 -25.17
N VAL A 257 26.49 32.84 -25.89
CA VAL A 257 27.25 31.72 -25.39
C VAL A 257 28.23 31.30 -26.48
N PRO A 258 29.37 32.02 -26.61
CA PRO A 258 30.25 31.79 -27.73
C PRO A 258 30.79 30.38 -27.93
N PRO A 259 31.05 29.57 -26.87
CA PRO A 259 31.49 28.21 -27.22
C PRO A 259 30.43 27.29 -27.84
N LEU A 260 29.16 27.66 -27.84
CA LEU A 260 28.08 26.73 -28.23
C LEU A 260 27.96 26.61 -29.73
N ASP A 261 27.79 25.38 -30.20
CA ASP A 261 27.58 25.03 -31.63
C ASP A 261 26.17 25.45 -32.07
N GLU A 262 25.88 25.31 -33.35
CA GLU A 262 24.57 25.71 -33.91
C GLU A 262 23.35 25.06 -33.25
N ASP A 263 23.45 23.76 -32.98
CA ASP A 263 22.35 23.03 -32.35
C ASP A 263 22.10 23.49 -30.92
N GLY A 264 23.18 23.66 -30.17
CA GLY A 264 23.11 24.22 -28.83
C GLY A 264 22.46 25.59 -28.78
N ARG A 265 22.85 26.46 -29.69
CA ARG A 265 22.29 27.80 -29.74
C ARG A 265 20.80 27.77 -30.04
N SER A 266 20.42 26.92 -31.00
CA SER A 266 19.01 26.72 -31.34
C SER A 266 18.18 26.29 -30.09
N LEU A 267 18.72 25.31 -29.38
CA LEU A 267 18.04 24.83 -28.18
C LEU A 267 17.94 25.91 -27.09
N LEU A 268 19.05 26.53 -26.79
CA LEU A 268 19.02 27.61 -25.81
C LEU A 268 18.00 28.66 -26.16
N SER A 269 18.00 29.10 -27.43
CA SER A 269 17.05 30.15 -27.83
C SER A 269 15.60 29.74 -27.69
N GLN A 270 15.28 28.47 -27.93
CA GLN A 270 13.86 28.03 -27.71
C GLN A 270 13.49 27.92 -26.23
N MET A 271 14.47 27.64 -25.38
CA MET A 271 14.26 27.66 -23.93
C MET A 271 14.14 29.10 -23.33
N LEU A 272 14.72 30.11 -23.99
CA LEU A 272 14.67 31.52 -23.52
C LEU A 272 13.74 32.39 -24.35
N HIS A 273 12.82 31.75 -25.07
CA HIS A 273 11.80 32.48 -25.78
C HIS A 273 10.97 33.31 -24.80
N TYR A 274 10.66 34.55 -25.13
CA TYR A 274 9.89 35.40 -24.23
C TYR A 274 8.50 34.87 -24.00
N ASP A 275 7.78 34.56 -25.09
CA ASP A 275 6.39 34.17 -24.98
C ASP A 275 6.36 32.75 -24.38
N PRO A 276 5.82 32.59 -23.15
CA PRO A 276 5.75 31.26 -22.53
C PRO A 276 5.07 30.19 -23.40
N ASN A 277 4.06 30.57 -24.17
CA ASN A 277 3.42 29.71 -25.15
C ASN A 277 4.37 29.17 -26.21
N LYS A 278 5.31 29.98 -26.66
CA LYS A 278 6.27 29.54 -27.67
C LYS A 278 7.51 28.90 -27.09
N ARG A 279 7.77 29.09 -25.79
CA ARG A 279 8.94 28.49 -25.13
C ARG A 279 8.82 26.97 -25.19
N ILE A 280 9.93 26.32 -25.52
CA ILE A 280 9.93 24.89 -25.77
C ILE A 280 9.55 24.12 -24.48
N SER A 281 8.77 23.04 -24.63
CA SER A 281 8.54 22.13 -23.51
C SER A 281 9.73 21.21 -23.27
N ALA A 282 9.83 20.70 -22.04
CA ALA A 282 10.87 19.76 -21.71
C ALA A 282 10.75 18.52 -22.61
N LYS A 283 9.53 18.06 -22.76
CA LYS A 283 9.23 16.89 -23.60
C LYS A 283 9.74 17.08 -25.05
N ALA A 284 9.35 18.20 -25.66
CA ALA A 284 9.80 18.52 -27.03
C ALA A 284 11.32 18.71 -27.11
N ALA A 285 11.91 19.27 -26.06
CA ALA A 285 13.35 19.54 -26.04
C ALA A 285 14.17 18.27 -26.09
N LEU A 286 13.68 17.18 -25.49
CA LEU A 286 14.40 15.88 -25.52
C LEU A 286 14.69 15.36 -26.94
N ALA A 287 13.86 15.74 -27.91
CA ALA A 287 14.06 15.41 -29.33
C ALA A 287 14.87 16.39 -30.13
N HIS A 288 15.46 17.41 -29.51
CA HIS A 288 16.17 18.41 -30.26
C HIS A 288 17.44 17.77 -30.79
N PRO A 289 17.88 18.15 -32.00
CA PRO A 289 19.14 17.57 -32.56
C PRO A 289 20.45 17.73 -31.76
N PHE A 290 20.50 18.69 -30.84
CA PHE A 290 21.59 18.83 -29.90
C PHE A 290 21.91 17.52 -29.19
N PHE A 291 20.87 16.73 -28.92
CA PHE A 291 21.03 15.50 -28.16
C PHE A 291 21.26 14.24 -29.00
N GLN A 292 21.37 14.36 -30.32
CA GLN A 292 21.51 13.16 -31.15
C GLN A 292 22.69 12.27 -30.78
N ASP A 293 23.79 12.86 -30.33
CA ASP A 293 24.96 12.05 -29.90
C ASP A 293 25.13 11.95 -28.37
N VAL A 294 24.07 12.18 -27.62
CA VAL A 294 24.21 12.22 -26.16
C VAL A 294 24.68 10.88 -25.58
N THR A 295 25.61 10.95 -24.63
CA THR A 295 26.04 9.78 -23.89
C THR A 295 25.89 10.11 -22.43
N LYS A 296 26.44 9.28 -21.58
CA LYS A 296 26.43 9.52 -20.16
C LYS A 296 27.83 9.40 -19.53
N PRO A 297 28.67 10.42 -19.70
CA PRO A 297 29.95 10.33 -19.06
C PRO A 297 29.84 10.45 -17.56
N VAL A 298 30.92 9.98 -16.94
CA VAL A 298 31.12 10.00 -15.52
C VAL A 298 32.01 11.21 -15.20
N PRO A 299 31.60 12.10 -14.29
CA PRO A 299 32.46 13.26 -14.02
C PRO A 299 33.69 12.90 -13.16
N HIS A 300 34.69 13.80 -13.15
CA HIS A 300 35.87 13.75 -12.23
C HIS A 300 35.53 14.29 -10.81
N LEU A 301 35.03 13.46 -9.87
CA LEU A 301 34.59 13.98 -8.55
C LEU A 301 35.66 14.05 -7.49
N ARG A 302 35.72 15.23 -6.90
CA ARG A 302 36.64 15.50 -5.85
C ARG A 302 35.77 15.71 -4.64
N LEU A 303 35.24 14.62 -4.12
CA LEU A 303 34.62 14.67 -2.80
C LEU A 303 35.69 14.86 -1.76
N VAL B 3 -1.48 24.85 -21.13
CA VAL B 3 -0.21 24.02 -21.20
C VAL B 3 -0.39 22.77 -22.10
N PRO B 4 -1.09 22.96 -23.29
CA PRO B 4 -1.79 21.90 -24.09
C PRO B 4 -0.99 20.64 -24.36
N ASP B 5 0.28 20.84 -24.40
CA ASP B 5 1.28 19.81 -24.46
C ASP B 5 1.35 18.73 -23.33
N TYR B 6 0.96 19.05 -22.09
CA TYR B 6 0.94 18.05 -21.03
C TYR B 6 -0.49 17.68 -20.70
N HIS B 7 -1.44 18.22 -21.45
CA HIS B 7 -2.85 18.14 -21.10
C HIS B 7 -3.32 16.68 -20.99
N GLU B 8 -2.97 15.89 -22.00
CA GLU B 8 -3.37 14.51 -22.00
C GLU B 8 -2.59 13.63 -21.01
N ASP B 9 -1.28 13.81 -20.88
CA ASP B 9 -0.52 13.13 -19.79
C ASP B 9 -1.16 13.41 -18.41
N ILE B 10 -1.53 14.66 -18.14
CA ILE B 10 -2.07 15.00 -16.85
C ILE B 10 -3.45 14.34 -16.62
N HIS B 11 -4.32 14.42 -17.61
CA HIS B 11 -5.65 13.76 -17.58
C HIS B 11 -5.52 12.26 -17.29
N THR B 12 -4.67 11.57 -18.05
CA THR B 12 -4.40 10.17 -17.81
C THR B 12 -3.97 9.87 -16.39
N TYR B 13 -3.04 10.69 -15.91
CA TYR B 13 -2.48 10.49 -14.59
C TYR B 13 -3.55 10.69 -13.50
N LEU B 14 -4.34 11.75 -13.62
CA LEU B 14 -5.44 11.98 -12.67
C LEU B 14 -6.48 10.85 -12.70
N ARG B 15 -6.75 10.27 -13.86
CA ARG B 15 -7.66 9.08 -13.95
C ARG B 15 -7.13 7.87 -13.18
N GLU B 16 -5.82 7.64 -13.26
CA GLU B 16 -5.17 6.67 -12.41
C GLU B 16 -5.24 7.02 -10.91
N MET B 17 -4.89 8.25 -10.53
CA MET B 17 -4.82 8.57 -9.11
C MET B 17 -6.18 8.67 -8.48
N GLU B 18 -7.25 8.98 -9.23
CA GLU B 18 -8.58 9.07 -8.63
C GLU B 18 -9.06 7.72 -8.10
N VAL B 19 -8.62 6.66 -8.72
CA VAL B 19 -8.94 5.32 -8.24
C VAL B 19 -8.21 4.99 -6.96
N LYS B 20 -6.97 5.45 -6.81
CA LYS B 20 -6.20 5.24 -5.58
C LYS B 20 -6.63 6.08 -4.37
N CYS B 21 -7.12 7.28 -4.61
CA CYS B 21 -7.64 8.18 -3.56
C CYS B 21 -9.13 7.98 -3.27
N LYS B 22 -9.73 6.91 -3.81
CA LYS B 22 -11.15 6.71 -3.69
C LYS B 22 -11.48 6.23 -2.28
N PRO B 23 -12.42 6.90 -1.60
CA PRO B 23 -12.90 6.37 -0.32
C PRO B 23 -13.59 5.05 -0.49
N LYS B 24 -13.94 4.45 0.63
CA LYS B 24 -14.65 3.18 0.69
C LYS B 24 -16.16 3.49 0.64
N VAL B 25 -16.84 2.95 -0.37
CA VAL B 25 -18.22 3.32 -0.66
C VAL B 25 -19.17 3.04 0.50
N GLY B 26 -18.94 1.95 1.22
CA GLY B 26 -19.84 1.61 2.31
C GLY B 26 -19.55 2.14 3.69
N TYR B 27 -18.68 3.13 3.87
CA TYR B 27 -18.04 3.31 5.18
C TYR B 27 -18.97 3.75 6.30
N MET B 28 -20.03 4.49 5.97
CA MET B 28 -20.91 5.04 7.02
C MET B 28 -21.69 3.95 7.78
N LYS B 29 -21.98 2.87 7.07
CA LYS B 29 -22.58 1.66 7.67
C LYS B 29 -21.71 1.10 8.79
N LYS B 30 -20.40 1.27 8.65
CA LYS B 30 -19.45 0.79 9.67
C LYS B 30 -19.07 1.81 10.72
N GLN B 31 -19.63 3.02 10.63
CA GLN B 31 -19.43 4.02 11.66
C GLN B 31 -20.56 3.89 12.63
N PRO B 32 -20.26 3.47 13.87
CA PRO B 32 -21.35 3.24 14.83
C PRO B 32 -22.09 4.49 15.25
N ASP B 33 -21.39 5.62 15.29
CA ASP B 33 -21.87 6.82 15.95
C ASP B 33 -22.22 8.01 15.02
N ILE B 34 -21.81 7.97 13.74
CA ILE B 34 -22.12 9.04 12.78
C ILE B 34 -22.86 8.49 11.59
N THR B 35 -23.53 9.40 10.90
CA THR B 35 -24.41 9.12 9.78
C THR B 35 -24.15 10.05 8.61
N ASN B 36 -24.75 9.71 7.47
CA ASN B 36 -24.68 10.56 6.28
C ASN B 36 -25.20 11.97 6.52
N SER B 37 -26.22 12.05 7.36
CA SER B 37 -26.84 13.30 7.72
C SER B 37 -25.89 14.19 8.58
N MET B 38 -25.14 13.57 9.51
CA MET B 38 -24.13 14.33 10.23
C MET B 38 -23.02 14.81 9.28
N ARG B 39 -22.60 13.93 8.36
CA ARG B 39 -21.58 14.31 7.37
C ARG B 39 -22.04 15.47 6.48
N ALA B 40 -23.30 15.45 6.07
CA ALA B 40 -23.89 16.55 5.28
C ALA B 40 -23.82 17.86 6.04
N ILE B 41 -24.14 17.81 7.34
CA ILE B 41 -24.03 18.99 8.19
C ILE B 41 -22.59 19.51 8.21
N LEU B 42 -21.60 18.63 8.37
CA LEU B 42 -20.22 19.02 8.38
C LEU B 42 -19.75 19.66 7.08
N VAL B 43 -20.07 19.04 5.95
CA VAL B 43 -19.60 19.52 4.66
C VAL B 43 -20.22 20.90 4.36
N ASP B 44 -21.49 21.05 4.74
CA ASP B 44 -22.20 22.32 4.60
C ASP B 44 -21.50 23.41 5.42
N TRP B 45 -21.12 23.07 6.65
CA TRP B 45 -20.34 23.99 7.47
C TRP B 45 -19.00 24.35 6.81
N LEU B 46 -18.30 23.36 6.23
CA LEU B 46 -17.06 23.68 5.50
C LEU B 46 -17.28 24.62 4.29
N VAL B 47 -18.43 24.50 3.63
CA VAL B 47 -18.76 25.45 2.57
C VAL B 47 -18.78 26.88 3.11
N GLU B 48 -19.47 27.08 4.24
CA GLU B 48 -19.51 28.41 4.92
C GLU B 48 -18.14 28.87 5.28
N VAL B 49 -17.35 27.98 5.90
CA VAL B 49 -15.99 28.32 6.30
C VAL B 49 -15.20 28.78 5.06
N GLY B 50 -15.30 28.05 3.95
CA GLY B 50 -14.70 28.44 2.69
C GLY B 50 -15.09 29.83 2.20
N GLU B 51 -16.38 30.15 2.27
CA GLU B 51 -16.86 31.55 2.00
C GLU B 51 -16.31 32.62 2.95
N GLU B 52 -16.43 32.37 4.24
CA GLU B 52 -15.92 33.24 5.27
C GLU B 52 -14.47 33.65 5.01
N TYR B 53 -13.59 32.69 4.71
CA TYR B 53 -12.13 32.99 4.52
C TYR B 53 -11.72 33.17 3.06
N LYS B 54 -12.70 33.18 2.17
CA LYS B 54 -12.48 33.34 0.74
C LYS B 54 -11.51 32.31 0.20
N LEU B 55 -11.82 31.05 0.50
CA LEU B 55 -10.96 29.96 0.08
C LEU B 55 -11.38 29.48 -1.28
N GLN B 56 -10.44 28.86 -2.00
CA GLN B 56 -10.74 28.27 -3.30
C GLN B 56 -11.72 27.11 -3.20
N ASN B 57 -12.51 26.90 -4.23
CA ASN B 57 -13.34 25.70 -4.29
C ASN B 57 -12.51 24.40 -4.22
N GLU B 58 -11.32 24.42 -4.81
CA GLU B 58 -10.44 23.24 -4.84
C GLU B 58 -10.13 22.79 -3.40
N THR B 59 -9.87 23.76 -2.54
CA THR B 59 -9.59 23.55 -1.13
C THR B 59 -10.72 22.78 -0.45
N LEU B 60 -11.94 23.23 -0.69
CA LEU B 60 -13.12 22.55 -0.19
C LEU B 60 -13.20 21.09 -0.69
N HIS B 61 -13.01 20.88 -2.00
CA HIS B 61 -13.08 19.54 -2.59
C HIS B 61 -12.01 18.60 -1.95
N LEU B 62 -10.76 19.07 -1.84
CA LEU B 62 -9.68 18.35 -1.17
C LEU B 62 -9.99 17.97 0.29
N ALA B 63 -10.51 18.92 1.05
CA ALA B 63 -10.88 18.67 2.43
C ALA B 63 -11.90 17.53 2.55
N VAL B 64 -12.89 17.51 1.67
CA VAL B 64 -13.92 16.51 1.71
C VAL B 64 -13.34 15.12 1.34
N ASN B 65 -12.47 15.08 0.33
CA ASN B 65 -11.71 13.87 0.02
C ASN B 65 -10.93 13.34 1.25
N TYR B 66 -10.22 14.23 1.93
CA TYR B 66 -9.43 13.86 3.13
C TYR B 66 -10.33 13.25 4.19
N ILE B 67 -11.48 13.89 4.40
CA ILE B 67 -12.46 13.45 5.40
C ILE B 67 -13.00 12.06 5.06
N ASP B 68 -13.43 11.86 3.83
CA ASP B 68 -14.00 10.58 3.44
C ASP B 68 -12.98 9.44 3.53
N ARG B 69 -11.73 9.70 3.14
CA ARG B 69 -10.67 8.70 3.26
C ARG B 69 -10.33 8.39 4.71
N PHE B 70 -10.24 9.41 5.55
CA PHE B 70 -9.99 9.23 6.99
C PHE B 70 -11.09 8.38 7.68
N LEU B 71 -12.34 8.72 7.43
CA LEU B 71 -13.47 7.99 7.98
C LEU B 71 -13.66 6.62 7.33
N SER B 72 -12.99 6.35 6.21
CA SER B 72 -13.00 5.02 5.64
C SER B 72 -12.25 4.00 6.50
N SER B 73 -11.27 4.44 7.28
CA SER B 73 -10.57 3.55 8.20
C SER B 73 -10.61 3.92 9.72
N MET B 74 -11.08 5.09 10.11
CA MET B 74 -11.06 5.51 11.50
C MET B 74 -12.50 5.75 11.95
N SER B 75 -12.87 5.00 12.96
CA SER B 75 -14.10 5.16 13.66
C SER B 75 -14.06 6.45 14.48
N VAL B 76 -15.09 7.30 14.37
CA VAL B 76 -15.08 8.61 15.03
C VAL B 76 -16.42 8.89 15.71
N LEU B 77 -16.37 9.31 16.96
CA LEU B 77 -17.57 9.71 17.68
C LEU B 77 -18.11 11.04 17.15
N ARG B 78 -19.41 11.29 17.32
CA ARG B 78 -20.03 12.49 16.76
C ARG B 78 -19.46 13.78 17.31
N GLY B 79 -19.13 13.78 18.60
CA GLY B 79 -18.43 14.90 19.21
C GLY B 79 -17.13 15.26 18.53
N LYS B 80 -16.49 14.32 17.83
CA LYS B 80 -15.19 14.60 17.23
C LYS B 80 -15.19 14.78 15.73
N LEU B 81 -16.35 14.64 15.11
CA LEU B 81 -16.42 14.74 13.66
C LEU B 81 -15.98 16.12 13.12
N GLN B 82 -16.36 17.19 13.83
CA GLN B 82 -15.94 18.52 13.44
C GLN B 82 -14.43 18.76 13.59
N LEU B 83 -13.81 18.09 14.55
CA LEU B 83 -12.36 18.18 14.71
C LEU B 83 -11.65 17.59 13.48
N VAL B 84 -12.11 16.44 13.03
CA VAL B 84 -11.59 15.82 11.82
C VAL B 84 -11.73 16.78 10.63
N GLY B 85 -12.92 17.33 10.47
CA GLY B 85 -13.23 18.28 9.40
C GLY B 85 -12.42 19.55 9.45
N THR B 86 -12.19 20.10 10.65
CA THR B 86 -11.36 21.29 10.82
C THR B 86 -9.91 21.03 10.42
N ALA B 87 -9.34 19.91 10.88
CA ALA B 87 -7.97 19.54 10.52
C ALA B 87 -7.84 19.28 8.98
N ALA B 88 -8.84 18.67 8.41
CA ALA B 88 -8.84 18.41 6.98
C ALA B 88 -8.83 19.70 6.18
N MET B 89 -9.62 20.68 6.60
CA MET B 89 -9.69 21.99 5.92
C MET B 89 -8.35 22.75 6.09
N LEU B 90 -7.76 22.66 7.27
CA LEU B 90 -6.42 23.21 7.54
C LEU B 90 -5.35 22.65 6.60
N LEU B 91 -5.35 21.33 6.48
CA LEU B 91 -4.40 20.64 5.59
C LEU B 91 -4.63 21.01 4.13
N ALA B 92 -5.91 21.02 3.73
CA ALA B 92 -6.26 21.39 2.38
C ALA B 92 -5.82 22.82 2.09
N SER B 93 -6.01 23.72 3.07
CA SER B 93 -5.61 25.10 2.88
C SER B 93 -4.11 25.20 2.76
N LYS B 94 -3.40 24.45 3.58
CA LYS B 94 -1.96 24.49 3.49
C LYS B 94 -1.47 23.97 2.14
N PHE B 95 -2.12 22.92 1.65
CA PHE B 95 -1.70 22.33 0.35
C PHE B 95 -1.96 23.30 -0.81
N GLU B 96 -3.17 23.84 -0.84
CA GLU B 96 -3.70 24.51 -1.98
C GLU B 96 -3.66 26.07 -2.02
N GLU B 97 -3.71 26.72 -0.86
CA GLU B 97 -3.85 28.17 -0.79
C GLU B 97 -2.54 28.93 -0.81
N ILE B 98 -2.59 30.08 -1.47
CA ILE B 98 -1.46 30.99 -1.42
C ILE B 98 -1.25 31.55 -0.01
N TYR B 99 -2.33 32.00 0.62
CA TYR B 99 -2.34 32.48 2.05
C TYR B 99 -3.38 31.69 2.85
N PRO B 100 -3.00 30.54 3.37
CA PRO B 100 -3.99 29.79 4.14
C PRO B 100 -4.35 30.54 5.43
N PRO B 101 -5.58 30.35 5.96
CA PRO B 101 -5.77 30.90 7.30
C PRO B 101 -4.82 30.25 8.31
N GLU B 102 -4.44 31.02 9.32
CA GLU B 102 -3.57 30.51 10.36
C GLU B 102 -4.39 29.62 11.30
N VAL B 103 -3.68 28.83 12.09
CA VAL B 103 -4.30 27.80 12.90
C VAL B 103 -5.31 28.37 13.87
N ALA B 104 -4.99 29.54 14.43
CA ALA B 104 -5.89 30.24 15.35
C ALA B 104 -7.23 30.52 14.72
N GLU B 105 -7.26 30.82 13.41
CA GLU B 105 -8.51 31.12 12.74
C GLU B 105 -9.35 29.86 12.67
N PHE B 106 -8.71 28.71 12.45
CA PHE B 106 -9.41 27.44 12.45
C PHE B 106 -9.92 27.07 13.84
N VAL B 107 -9.20 27.41 14.91
CA VAL B 107 -9.74 27.21 16.26
C VAL B 107 -10.95 28.12 16.52
N TYR B 108 -10.83 29.39 16.12
CA TYR B 108 -11.91 30.33 16.29
C TYR B 108 -13.20 29.85 15.61
N ILE B 109 -13.19 29.38 14.36
CA ILE B 109 -14.49 28.97 13.72
C ILE B 109 -15.12 27.68 14.24
N THR B 110 -14.42 26.89 15.04
CA THR B 110 -15.11 25.81 15.78
C THR B 110 -15.77 26.26 17.10
N ASP B 111 -15.79 27.57 17.39
CA ASP B 111 -16.41 28.16 18.61
C ASP B 111 -15.77 27.71 19.93
N ASP B 112 -14.45 27.48 19.89
CA ASP B 112 -13.70 26.80 20.98
C ASP B 112 -14.37 25.53 21.53
N THR B 113 -15.00 24.76 20.63
CA THR B 113 -15.40 23.39 20.95
C THR B 113 -14.09 22.65 21.29
N TYR B 114 -13.05 22.90 20.49
CA TYR B 114 -11.74 22.26 20.55
C TYR B 114 -10.65 23.27 20.81
N THR B 115 -9.55 22.80 21.38
CA THR B 115 -8.40 23.63 21.66
C THR B 115 -7.49 23.58 20.47
N LYS B 116 -6.49 24.44 20.48
CA LYS B 116 -5.52 24.47 19.41
C LYS B 116 -4.63 23.25 19.36
N LYS B 117 -4.23 22.73 20.50
CA LYS B 117 -3.36 21.58 20.44
C LYS B 117 -4.14 20.37 19.93
N GLN B 118 -5.44 20.31 20.22
CA GLN B 118 -6.29 19.26 19.64
C GLN B 118 -6.35 19.33 18.11
N VAL B 119 -6.46 20.54 17.57
CA VAL B 119 -6.48 20.76 16.13
C VAL B 119 -5.16 20.33 15.53
N LEU B 120 -4.05 20.69 16.18
CA LEU B 120 -2.74 20.33 15.66
C LEU B 120 -2.43 18.84 15.74
N ARG B 121 -2.89 18.20 16.81
CA ARG B 121 -2.77 16.76 16.94
C ARG B 121 -3.63 15.99 15.96
N MET B 122 -4.86 16.45 15.72
CA MET B 122 -5.66 15.84 14.65
C MET B 122 -5.01 16.04 13.30
N GLU B 123 -4.41 17.20 13.08
CA GLU B 123 -3.75 17.45 11.82
C GLU B 123 -2.77 16.34 11.58
N HIS B 124 -1.95 16.06 12.59
CA HIS B 124 -0.93 15.03 12.43
C HIS B 124 -1.47 13.59 12.24
N LEU B 125 -2.52 13.24 12.98
CA LEU B 125 -3.20 11.97 12.84
C LEU B 125 -3.77 11.83 11.45
N VAL B 126 -4.40 12.88 10.93
CA VAL B 126 -4.94 12.80 9.57
C VAL B 126 -3.79 12.54 8.57
N LEU B 127 -2.67 13.27 8.70
CA LEU B 127 -1.52 12.99 7.85
C LEU B 127 -1.02 11.55 7.93
N LYS B 128 -0.97 11.00 9.15
CA LYS B 128 -0.51 9.62 9.34
C LYS B 128 -1.50 8.70 8.64
N VAL B 129 -2.79 8.94 8.83
CA VAL B 129 -3.77 8.00 8.31
C VAL B 129 -3.80 8.01 6.77
N LEU B 130 -3.59 9.17 6.18
CA LEU B 130 -3.58 9.29 4.73
C LEU B 130 -2.19 9.06 4.16
N THR B 131 -1.23 8.69 5.02
CA THR B 131 0.19 8.52 4.66
C THR B 131 0.75 9.66 3.77
N PHE B 132 0.37 10.88 4.10
CA PHE B 132 0.77 12.08 3.37
C PHE B 132 0.32 12.16 1.92
N ASP B 133 -0.66 11.37 1.51
CA ASP B 133 -1.05 11.33 0.10
C ASP B 133 -2.19 12.33 -0.11
N LEU B 134 -1.82 13.59 -0.23
CA LEU B 134 -2.77 14.71 -0.19
C LEU B 134 -3.08 15.32 -1.57
N ALA B 135 -2.28 15.01 -2.57
CA ALA B 135 -2.46 15.53 -3.93
C ALA B 135 -3.51 14.75 -4.70
N ALA B 136 -4.76 14.80 -4.19
CA ALA B 136 -5.86 14.00 -4.68
C ALA B 136 -6.56 14.73 -5.81
N PRO B 137 -6.96 13.99 -6.85
CA PRO B 137 -7.82 14.54 -7.89
C PRO B 137 -9.22 14.82 -7.33
N THR B 138 -9.81 15.90 -7.81
CA THR B 138 -11.13 16.33 -7.39
C THR B 138 -12.05 16.49 -8.61
N VAL B 139 -13.35 16.56 -8.32
CA VAL B 139 -14.36 16.92 -9.33
C VAL B 139 -13.96 18.22 -10.03
N ASN B 140 -13.53 19.18 -9.22
CA ASN B 140 -13.13 20.46 -9.71
C ASN B 140 -11.99 20.38 -10.73
N GLN B 141 -10.99 19.56 -10.48
CA GLN B 141 -9.88 19.42 -11.44
C GLN B 141 -10.27 18.83 -12.76
N PHE B 142 -11.24 17.90 -12.76
CA PHE B 142 -11.76 17.37 -14.02
C PHE B 142 -12.60 18.41 -14.75
N LEU B 143 -13.53 19.04 -14.04
CA LEU B 143 -14.39 20.07 -14.66
C LEU B 143 -13.63 21.12 -15.44
N THR B 144 -12.58 21.61 -14.82
CA THR B 144 -11.71 22.65 -15.38
C THR B 144 -11.09 22.24 -16.76
N GLN B 145 -10.67 20.98 -16.83
CA GLN B 145 -10.22 20.43 -18.11
C GLN B 145 -11.36 20.29 -19.14
N TYR B 146 -12.52 19.82 -18.68
CA TYR B 146 -13.69 19.63 -19.52
C TYR B 146 -14.18 20.97 -20.08
N PHE B 147 -14.09 22.04 -19.29
CA PHE B 147 -14.47 23.37 -19.75
C PHE B 147 -13.75 23.81 -21.02
N LEU B 148 -12.52 23.34 -21.22
CA LEU B 148 -11.78 23.70 -22.44
C LEU B 148 -12.38 23.19 -23.75
N HIS B 149 -13.31 22.25 -23.65
CA HIS B 149 -14.02 21.74 -24.80
C HIS B 149 -15.32 22.47 -25.07
N GLN B 150 -15.55 23.65 -24.50
CA GLN B 150 -16.71 24.44 -24.91
C GLN B 150 -16.45 25.18 -26.23
N GLN B 151 -17.55 25.61 -26.82
CA GLN B 151 -17.55 26.22 -28.15
C GLN B 151 -18.71 27.24 -28.29
N PRO B 152 -18.49 28.51 -27.90
CA PRO B 152 -17.31 29.01 -27.12
C PRO B 152 -17.59 28.85 -25.61
N ALA B 153 -16.66 29.32 -24.76
CA ALA B 153 -16.85 29.23 -23.30
C ALA B 153 -18.11 29.95 -22.92
N ASN B 154 -18.90 29.36 -22.04
CA ASN B 154 -20.05 30.02 -21.47
C ASN B 154 -19.86 30.02 -19.97
N CYS B 155 -19.73 31.19 -19.37
CA CYS B 155 -19.43 31.24 -17.96
C CYS B 155 -20.59 30.83 -17.07
N LYS B 156 -21.84 30.93 -17.52
CA LYS B 156 -22.96 30.33 -16.75
C LYS B 156 -22.86 28.82 -16.69
N VAL B 157 -22.53 28.20 -17.82
CA VAL B 157 -22.35 26.74 -17.91
C VAL B 157 -21.26 26.31 -16.89
N GLU B 158 -20.17 27.06 -16.87
CA GLU B 158 -19.04 26.79 -15.99
C GLU B 158 -19.46 26.91 -14.51
N SER B 159 -20.08 28.01 -14.12
CA SER B 159 -20.49 28.17 -12.74
C SER B 159 -21.58 27.18 -12.32
N LEU B 160 -22.52 26.89 -13.21
CA LEU B 160 -23.55 25.89 -12.91
C LEU B 160 -22.97 24.47 -12.77
N ALA B 161 -21.94 24.12 -13.55
CA ALA B 161 -21.29 22.81 -13.37
C ALA B 161 -20.58 22.69 -12.00
N MET B 162 -19.86 23.74 -11.62
CA MET B 162 -19.21 23.81 -10.32
C MET B 162 -20.23 23.74 -9.21
N PHE B 163 -21.35 24.43 -9.38
CA PHE B 163 -22.48 24.36 -8.41
C PHE B 163 -22.96 22.92 -8.20
N LEU B 164 -23.21 22.21 -9.30
CA LEU B 164 -23.74 20.80 -9.22
C LEU B 164 -22.71 19.84 -8.61
N GLY B 165 -21.46 19.96 -9.06
CA GLY B 165 -20.36 19.18 -8.51
C GLY B 165 -20.22 19.40 -7.02
N GLU B 166 -20.40 20.64 -6.59
CA GLU B 166 -20.33 20.98 -5.20
C GLU B 166 -21.51 20.35 -4.39
N LEU B 167 -22.71 20.35 -4.96
CA LEU B 167 -23.85 19.70 -4.28
C LEU B 167 -23.59 18.21 -4.05
N SER B 168 -22.82 17.59 -4.92
CA SER B 168 -22.54 16.17 -4.78
C SER B 168 -21.71 15.87 -3.53
N LEU B 169 -20.91 16.85 -3.06
CA LEU B 169 -20.08 16.68 -1.87
C LEU B 169 -20.90 16.44 -0.59
N ILE B 170 -22.12 16.98 -0.56
CA ILE B 170 -22.97 16.99 0.66
C ILE B 170 -23.53 15.59 1.01
N ASP B 171 -23.83 14.79 -0.02
CA ASP B 171 -24.63 13.56 0.16
C ASP B 171 -23.80 12.28 -0.13
N ALA B 172 -23.23 11.67 0.89
CA ALA B 172 -22.41 10.45 0.72
C ALA B 172 -23.17 9.34 0.00
N ASP B 173 -24.48 9.24 0.27
CA ASP B 173 -25.38 8.39 -0.50
C ASP B 173 -26.20 9.33 -1.41
N PRO B 174 -26.03 9.29 -2.73
CA PRO B 174 -25.34 8.24 -3.50
C PRO B 174 -23.89 8.53 -3.99
N TYR B 175 -23.35 9.72 -3.80
CA TYR B 175 -22.18 10.18 -4.62
C TYR B 175 -20.82 9.53 -4.30
N LEU B 176 -20.69 8.95 -3.13
CA LEU B 176 -19.46 8.21 -2.81
C LEU B 176 -19.18 7.05 -3.77
N LYS B 177 -20.17 6.50 -4.43
CA LYS B 177 -19.88 5.42 -5.38
C LYS B 177 -19.44 5.86 -6.76
N TYR B 178 -19.44 7.15 -7.04
CA TYR B 178 -19.00 7.63 -8.32
C TYR B 178 -17.62 8.31 -8.18
N LEU B 179 -16.79 8.06 -9.19
CA LEU B 179 -15.51 8.69 -9.27
C LEU B 179 -15.65 10.18 -9.64
N PRO B 180 -14.67 11.00 -9.24
CA PRO B 180 -14.68 12.41 -9.54
C PRO B 180 -14.84 12.76 -11.02
N SER B 181 -14.17 12.01 -11.88
CA SER B 181 -14.24 12.23 -13.34
C SER B 181 -15.67 12.02 -13.89
N VAL B 182 -16.40 11.10 -13.25
CA VAL B 182 -17.78 10.74 -13.65
C VAL B 182 -18.74 11.81 -13.13
N ILE B 183 -18.57 12.24 -11.89
CA ILE B 183 -19.40 13.33 -11.36
C ILE B 183 -19.19 14.62 -12.17
N ALA B 184 -17.93 14.90 -12.49
CA ALA B 184 -17.62 16.03 -13.34
C ALA B 184 -18.31 15.91 -14.70
N GLY B 185 -18.38 14.69 -15.24
CA GLY B 185 -19.00 14.46 -16.52
C GLY B 185 -20.49 14.73 -16.48
N ALA B 186 -21.14 14.17 -15.48
CA ALA B 186 -22.57 14.39 -15.26
C ALA B 186 -22.90 15.87 -15.00
N ALA B 187 -22.09 16.53 -14.17
CA ALA B 187 -22.26 17.94 -13.88
C ALA B 187 -22.08 18.82 -15.13
N PHE B 188 -21.06 18.54 -15.94
CA PHE B 188 -20.82 19.35 -17.13
C PHE B 188 -21.96 19.19 -18.15
N HIS B 189 -22.37 17.95 -18.40
CA HIS B 189 -23.47 17.69 -19.28
C HIS B 189 -24.78 18.36 -18.79
N LEU B 190 -25.10 18.20 -17.52
CA LEU B 190 -26.34 18.72 -16.97
C LEU B 190 -26.36 20.28 -17.02
N ALA B 191 -25.23 20.91 -16.74
CA ALA B 191 -25.11 22.37 -16.82
C ALA B 191 -25.28 22.89 -18.24
N LEU B 192 -24.60 22.21 -19.16
CA LEU B 192 -24.59 22.53 -20.56
C LEU B 192 -25.99 22.41 -21.21
N TYR B 193 -26.71 21.37 -20.82
CA TYR B 193 -28.06 21.12 -21.30
C TYR B 193 -29.03 22.12 -20.68
N THR B 194 -28.94 22.34 -19.37
CA THR B 194 -29.78 23.34 -18.66
C THR B 194 -29.67 24.74 -19.27
N VAL B 195 -28.45 25.20 -19.51
CA VAL B 195 -28.21 26.53 -20.04
C VAL B 195 -28.41 26.66 -21.57
N THR B 196 -27.74 25.81 -22.36
CA THR B 196 -27.71 25.93 -23.83
C THR B 196 -28.56 24.92 -24.61
N GLY B 197 -29.08 23.89 -23.94
CA GLY B 197 -29.73 22.77 -24.62
C GLY B 197 -28.81 21.73 -25.24
N GLN B 198 -27.49 21.95 -25.21
CA GLN B 198 -26.54 21.05 -25.85
C GLN B 198 -26.13 19.91 -24.90
N SER B 199 -25.37 18.97 -25.46
CA SER B 199 -25.01 17.74 -24.79
C SER B 199 -23.52 17.48 -24.73
N TRP B 200 -23.18 16.56 -23.83
CA TRP B 200 -21.86 16.01 -23.63
C TRP B 200 -21.21 15.90 -25.01
N PRO B 201 -20.19 16.74 -25.27
CA PRO B 201 -19.64 16.77 -26.64
C PRO B 201 -18.81 15.55 -27.04
N GLU B 202 -18.83 15.30 -28.35
CA GLU B 202 -18.01 14.31 -29.03
C GLU B 202 -16.54 14.31 -28.57
N SER B 203 -15.94 15.51 -28.54
CA SER B 203 -14.52 15.64 -28.20
C SER B 203 -14.20 15.10 -26.78
N LEU B 204 -15.14 15.23 -25.84
CA LEU B 204 -14.99 14.62 -24.50
C LEU B 204 -15.21 13.12 -24.46
N ILE B 205 -15.98 12.58 -25.38
CA ILE B 205 -16.08 11.12 -25.53
C ILE B 205 -14.69 10.60 -25.92
N ARG B 206 -14.07 11.30 -26.87
CA ARG B 206 -12.71 10.94 -27.29
C ARG B 206 -11.70 11.08 -26.17
N LYS B 207 -11.78 12.16 -25.41
CA LYS B 207 -10.82 12.37 -24.30
C LYS B 207 -11.01 11.35 -23.14
N THR B 208 -12.25 11.22 -22.67
CA THR B 208 -12.57 10.49 -21.42
C THR B 208 -13.00 9.05 -21.61
N GLY B 209 -13.50 8.73 -22.81
CA GLY B 209 -14.14 7.45 -23.05
C GLY B 209 -15.54 7.32 -22.47
N TYR B 210 -16.05 8.37 -21.81
CA TYR B 210 -17.40 8.35 -21.27
C TYR B 210 -18.41 8.81 -22.33
N THR B 211 -19.51 8.07 -22.43
CA THR B 211 -20.63 8.43 -23.29
C THR B 211 -21.76 8.84 -22.36
N LEU B 212 -22.81 9.39 -22.95
CA LEU B 212 -23.98 9.71 -22.18
C LEU B 212 -24.55 8.44 -21.51
N GLU B 213 -24.52 7.32 -22.24
CA GLU B 213 -24.90 6.01 -21.70
C GLU B 213 -24.17 5.73 -20.39
N SER B 214 -22.85 5.83 -20.41
CA SER B 214 -22.04 5.50 -19.24
C SER B 214 -22.20 6.51 -18.10
N LEU B 215 -22.48 7.77 -18.40
CA LEU B 215 -22.79 8.77 -17.35
C LEU B 215 -24.21 8.67 -16.79
N LYS B 216 -25.08 7.90 -17.42
CA LYS B 216 -26.51 7.94 -17.08
C LYS B 216 -26.83 7.72 -15.60
N PRO B 217 -26.28 6.66 -14.97
CA PRO B 217 -26.65 6.47 -13.56
C PRO B 217 -26.35 7.71 -12.67
N CYS B 218 -25.15 8.29 -12.82
CA CYS B 218 -24.78 9.50 -12.05
C CYS B 218 -25.70 10.68 -12.39
N LEU B 219 -25.92 10.87 -13.69
CA LEU B 219 -26.84 11.89 -14.20
C LEU B 219 -28.25 11.82 -13.63
N MET B 220 -28.77 10.60 -13.47
CA MET B 220 -30.09 10.39 -12.91
C MET B 220 -30.07 10.80 -11.46
N ASP B 221 -29.02 10.45 -10.72
CA ASP B 221 -28.89 10.93 -9.33
C ASP B 221 -28.76 12.44 -9.27
N LEU B 222 -27.90 13.00 -10.11
CA LEU B 222 -27.55 14.43 -10.04
C LEU B 222 -28.71 15.35 -10.44
N HIS B 223 -29.50 14.90 -11.40
CA HIS B 223 -30.71 15.58 -11.81
C HIS B 223 -31.71 15.69 -10.67
N GLN B 224 -31.89 14.59 -9.94
CA GLN B 224 -32.78 14.58 -8.76
C GLN B 224 -32.27 15.50 -7.65
N THR B 225 -30.96 15.49 -7.39
CA THR B 225 -30.37 16.40 -6.39
C THR B 225 -30.63 17.86 -6.74
N TYR B 226 -30.47 18.18 -8.03
CA TYR B 226 -30.71 19.53 -8.56
C TYR B 226 -32.17 19.96 -8.37
N LEU B 227 -33.08 19.09 -8.79
CA LEU B 227 -34.51 19.37 -8.65
C LEU B 227 -34.94 19.51 -7.20
N LYS B 228 -34.31 18.79 -6.29
CA LYS B 228 -34.67 18.89 -4.88
C LYS B 228 -33.81 19.86 -4.07
N ALA B 229 -32.85 20.54 -4.69
CA ALA B 229 -31.92 21.39 -3.93
C ALA B 229 -32.64 22.43 -3.05
N PRO B 230 -33.67 23.09 -3.57
CA PRO B 230 -34.42 24.00 -2.68
C PRO B 230 -35.00 23.42 -1.36
N GLN B 231 -35.28 22.11 -1.27
CA GLN B 231 -35.85 21.47 -0.04
C GLN B 231 -34.83 20.84 0.88
N HIS B 232 -33.61 20.70 0.40
CA HIS B 232 -32.58 19.99 1.12
C HIS B 232 -32.30 20.71 2.44
N ALA B 233 -32.14 19.94 3.49
CA ALA B 233 -31.82 20.51 4.80
C ALA B 233 -30.59 21.45 4.77
N GLN B 234 -29.54 21.06 4.05
CA GLN B 234 -28.37 21.91 3.77
C GLN B 234 -28.49 22.86 2.58
N GLN B 235 -28.22 24.13 2.85
CA GLN B 235 -28.48 25.24 1.90
C GLN B 235 -27.28 26.15 1.62
N SER B 236 -26.14 25.95 2.27
CA SER B 236 -25.05 26.90 2.11
C SER B 236 -24.49 26.97 0.68
N ILE B 237 -24.57 25.89 -0.08
CA ILE B 237 -24.07 25.89 -1.46
C ILE B 237 -25.01 26.73 -2.36
N ARG B 238 -26.31 26.57 -2.18
CA ARG B 238 -27.29 27.42 -2.88
C ARG B 238 -27.08 28.91 -2.58
N GLU B 239 -26.85 29.28 -1.31
CA GLU B 239 -26.55 30.68 -0.96
C GLU B 239 -25.31 31.19 -1.66
N LYS B 240 -24.22 30.44 -1.55
CA LYS B 240 -22.93 30.84 -2.15
C LYS B 240 -23.07 31.14 -3.65
N TYR B 241 -23.80 30.26 -4.35
CA TYR B 241 -23.94 30.37 -5.80
C TYR B 241 -25.04 31.35 -6.29
N LYS B 242 -25.68 32.08 -5.36
CA LYS B 242 -26.41 33.32 -5.72
C LYS B 242 -25.48 34.48 -6.02
N ASN B 243 -24.23 34.40 -5.59
CA ASN B 243 -23.34 35.51 -5.79
C ASN B 243 -22.99 35.75 -7.26
N SER B 244 -22.77 37.01 -7.58
CA SER B 244 -22.42 37.43 -8.95
C SER B 244 -21.09 36.84 -9.42
N LYS B 245 -20.19 36.61 -8.47
CA LYS B 245 -18.94 35.91 -8.76
C LYS B 245 -19.22 34.53 -9.43
N TYR B 246 -20.33 33.87 -9.10
CA TYR B 246 -20.75 32.63 -9.75
C TYR B 246 -21.94 32.80 -10.70
N HIS B 247 -22.16 34.03 -11.17
CA HIS B 247 -23.26 34.39 -12.05
C HIS B 247 -24.63 34.05 -11.58
N GLY B 248 -24.83 34.03 -10.26
CA GLY B 248 -26.14 33.72 -9.69
C GLY B 248 -26.80 32.43 -10.16
N VAL B 249 -26.00 31.42 -10.55
CA VAL B 249 -26.53 30.21 -11.23
C VAL B 249 -27.46 29.36 -10.38
N SER B 250 -27.36 29.48 -9.06
CA SER B 250 -28.28 28.73 -8.20
C SER B 250 -29.69 29.22 -8.38
N LEU B 251 -29.88 30.40 -8.97
CA LEU B 251 -31.22 30.88 -9.39
C LEU B 251 -31.82 30.29 -10.68
N LEU B 252 -31.02 29.60 -11.51
CA LEU B 252 -31.53 29.01 -12.75
C LEU B 252 -32.43 27.82 -12.49
N ASN B 253 -33.42 27.63 -13.36
CA ASN B 253 -34.39 26.57 -13.17
C ASN B 253 -33.83 25.28 -13.67
N PRO B 254 -33.86 24.23 -12.83
CA PRO B 254 -33.43 22.96 -13.41
C PRO B 254 -34.46 22.49 -14.44
N PRO B 255 -34.03 21.70 -15.45
CA PRO B 255 -34.99 21.14 -16.42
C PRO B 255 -35.94 20.14 -15.76
N GLU B 256 -37.19 20.09 -16.21
CA GLU B 256 -38.16 19.13 -15.69
C GLU B 256 -37.74 17.71 -16.03
N THR B 257 -37.23 17.49 -17.24
CA THR B 257 -36.74 16.16 -17.70
C THR B 257 -35.50 16.30 -18.58
N LEU B 258 -34.84 15.17 -18.80
CA LEU B 258 -33.64 15.08 -19.65
C LEU B 258 -33.96 14.24 -20.88
N ASN B 259 -33.17 14.41 -21.94
CA ASN B 259 -33.44 13.71 -23.22
C ASN B 259 -32.60 12.45 -23.38
N LEU B 260 -33.26 11.28 -23.51
CA LEU B 260 -32.61 9.96 -23.38
C LEU B 260 -33.61 8.80 -23.44
N SER C 5 3.49 7.78 19.46
CA SER C 5 2.99 6.50 18.88
C SER C 5 1.67 6.12 19.57
N MET C 6 1.84 5.87 20.85
CA MET C 6 0.78 5.56 21.80
C MET C 6 0.30 6.81 22.50
N GLU C 7 0.89 7.97 22.20
CA GLU C 7 0.42 9.28 22.71
C GLU C 7 -1.11 9.37 22.65
N ASN C 8 -1.75 8.94 21.55
CA ASN C 8 -3.20 9.15 21.38
C ASN C 8 -4.11 8.15 22.09
N PHE C 9 -3.55 7.12 22.71
CA PHE C 9 -4.38 6.13 23.40
C PHE C 9 -4.33 6.32 24.92
N GLN C 10 -5.51 6.26 25.54
CA GLN C 10 -5.68 6.33 26.99
C GLN C 10 -6.12 4.94 27.43
N LYS C 11 -5.27 4.22 28.18
CA LYS C 11 -5.64 2.92 28.79
C LYS C 11 -6.78 3.06 29.78
N VAL C 12 -7.76 2.17 29.71
CA VAL C 12 -8.93 2.21 30.60
C VAL C 12 -8.83 1.10 31.67
N GLU C 13 -8.58 -0.12 31.26
CA GLU C 13 -8.41 -1.24 32.20
C GLU C 13 -7.85 -2.40 31.46
N LYS C 14 -7.37 -3.37 32.23
CA LYS C 14 -6.86 -4.61 31.66
C LYS C 14 -8.02 -5.59 31.43
N ILE C 15 -8.01 -6.28 30.30
CA ILE C 15 -9.06 -7.24 29.97
C ILE C 15 -8.62 -8.64 30.35
N GLY C 16 -7.40 -8.99 29.98
CA GLY C 16 -6.90 -10.33 30.20
C GLY C 16 -5.64 -10.65 29.41
N GLU C 17 -5.22 -11.90 29.51
CA GLU C 17 -4.01 -12.42 28.90
C GLU C 17 -4.36 -13.66 28.14
N GLY C 18 -4.18 -13.67 26.83
CA GLY C 18 -4.53 -14.83 26.02
C GLY C 18 -3.28 -15.64 25.82
N THR C 19 -3.12 -16.21 24.63
CA THR C 19 -2.02 -17.14 24.42
C THR C 19 -0.66 -16.39 24.51
N TYR C 20 -0.59 -15.10 24.18
CA TYR C 20 0.62 -14.29 24.45
C TYR C 20 0.21 -12.83 24.66
N GLY C 21 1.09 -12.04 25.30
CA GLY C 21 0.86 -10.62 25.50
C GLY C 21 -0.22 -10.37 26.53
N VAL C 22 -0.65 -9.12 26.63
CA VAL C 22 -1.74 -8.68 27.52
C VAL C 22 -2.69 -7.81 26.70
N VAL C 23 -3.99 -7.90 26.95
CA VAL C 23 -4.98 -7.08 26.27
C VAL C 23 -5.61 -6.09 27.23
N TYR C 24 -5.59 -4.81 26.85
CA TYR C 24 -6.23 -3.72 27.57
C TYR C 24 -7.32 -3.11 26.75
N LYS C 25 -8.31 -2.56 27.42
CA LYS C 25 -9.26 -1.65 26.83
C LYS C 25 -8.62 -0.26 26.82
N ALA C 26 -8.73 0.46 25.72
CA ALA C 26 -8.18 1.81 25.63
C ALA C 26 -9.10 2.66 24.78
N ARG C 27 -8.92 3.99 24.84
CA ARG C 27 -9.58 4.84 23.89
C ARG C 27 -8.71 5.87 23.23
N ASN C 28 -9.04 6.07 21.96
CA ASN C 28 -8.35 7.03 21.10
C ASN C 28 -8.83 8.38 21.56
N LYS C 29 -7.89 9.22 21.98
CA LYS C 29 -8.25 10.52 22.51
C LYS C 29 -8.74 11.52 21.48
N LEU C 30 -8.33 11.33 20.24
CA LEU C 30 -8.66 12.28 19.20
C LEU C 30 -9.97 11.94 18.55
N THR C 31 -10.22 10.66 18.31
CA THR C 31 -11.40 10.23 17.61
C THR C 31 -12.49 9.71 18.53
N GLY C 32 -12.16 9.35 19.77
CA GLY C 32 -13.12 8.76 20.72
C GLY C 32 -13.28 7.25 20.62
N GLU C 33 -12.65 6.62 19.63
CA GLU C 33 -12.80 5.20 19.40
C GLU C 33 -12.31 4.39 20.60
N VAL C 34 -13.12 3.45 21.05
CA VAL C 34 -12.72 2.48 22.06
C VAL C 34 -12.13 1.29 21.33
N VAL C 35 -10.97 0.83 21.78
CA VAL C 35 -10.23 -0.25 21.14
C VAL C 35 -9.75 -1.28 22.17
N ALA C 36 -9.39 -2.47 21.71
CA ALA C 36 -8.58 -3.36 22.51
C ALA C 36 -7.13 -3.23 22.02
N LEU C 37 -6.21 -3.01 22.96
CA LEU C 37 -4.76 -2.97 22.69
C LEU C 37 -4.10 -4.24 23.20
N LYS C 38 -3.39 -4.95 22.34
CA LYS C 38 -2.59 -6.08 22.75
C LYS C 38 -1.14 -5.66 22.79
N LYS C 39 -0.60 -5.67 24.02
CA LYS C 39 0.80 -5.34 24.25
C LYS C 39 1.66 -6.61 24.26
N ILE C 40 2.73 -6.56 23.48
CA ILE C 40 3.67 -7.64 23.25
C ILE C 40 5.09 -7.15 23.53
N ARG C 41 5.78 -7.88 24.41
CA ARG C 41 7.16 -7.59 24.76
C ARG C 41 8.05 -8.20 23.72
N LEU C 42 8.97 -7.40 23.23
CA LEU C 42 10.00 -7.85 22.32
C LEU C 42 11.26 -8.29 23.08
N ASP C 43 11.71 -9.53 22.87
CA ASP C 43 12.93 -10.09 23.45
C ASP C 43 14.09 -9.56 22.68
N THR C 44 14.40 -8.31 22.92
CA THR C 44 15.35 -7.52 22.16
C THR C 44 16.84 -7.95 22.26
N GLU C 45 17.18 -8.71 23.31
CA GLU C 45 18.53 -9.23 23.51
C GLU C 45 18.67 -10.75 23.35
N THR C 46 17.53 -11.45 23.23
CA THR C 46 17.53 -12.90 23.11
C THR C 46 16.86 -13.47 21.82
N GLU C 47 15.56 -13.68 21.92
N GLU C 47 15.55 -13.70 21.82
CA GLU C 47 14.69 -14.33 20.91
CA GLU C 47 14.89 -14.40 20.71
C GLU C 47 14.14 -13.46 19.72
C GLU C 47 14.09 -13.49 19.70
N GLY C 48 13.90 -12.19 19.98
CA GLY C 48 13.32 -11.24 19.00
C GLY C 48 11.80 -11.18 19.00
N VAL C 49 11.21 -11.00 17.81
CA VAL C 49 9.73 -10.96 17.69
C VAL C 49 9.20 -12.39 17.80
N PRO C 50 8.27 -12.62 18.73
CA PRO C 50 7.80 -14.01 18.88
C PRO C 50 7.02 -14.55 17.68
N SER C 51 7.20 -15.84 17.40
CA SER C 51 6.52 -16.51 16.28
C SER C 51 5.01 -16.33 16.36
N THR C 52 4.42 -16.37 17.56
CA THR C 52 2.98 -16.18 17.71
C THR C 52 2.49 -14.81 17.16
N ALA C 53 3.29 -13.75 17.36
CA ALA C 53 2.97 -12.42 16.87
C ALA C 53 3.14 -12.34 15.38
N ILE C 54 4.24 -12.85 14.89
CA ILE C 54 4.49 -12.93 13.46
C ILE C 54 3.31 -13.61 12.69
N ARG C 55 2.79 -14.71 13.26
CA ARG C 55 1.66 -15.44 12.66
C ARG C 55 0.36 -14.70 12.84
N GLU C 56 0.02 -14.31 14.06
CA GLU C 56 -1.20 -13.61 14.28
C GLU C 56 -1.35 -12.39 13.34
N ILE C 57 -0.30 -11.58 13.21
CA ILE C 57 -0.37 -10.31 12.46
C ILE C 57 -0.44 -10.57 10.96
N SER C 58 0.46 -11.39 10.43
CA SER C 58 0.48 -11.67 8.99
C SER C 58 -0.84 -12.28 8.54
N LEU C 59 -1.42 -13.15 9.36
CA LEU C 59 -2.68 -13.82 9.02
C LEU C 59 -3.87 -12.93 9.24
N LEU C 60 -3.88 -12.19 10.34
CA LEU C 60 -5.00 -11.30 10.60
C LEU C 60 -5.11 -10.11 9.64
N LYS C 61 -3.99 -9.67 9.06
CA LYS C 61 -4.04 -8.66 7.99
C LYS C 61 -4.72 -9.14 6.70
N GLU C 62 -4.61 -10.43 6.39
CA GLU C 62 -5.34 -11.05 5.28
C GLU C 62 -6.80 -11.37 5.56
N LEU C 63 -7.16 -11.62 6.80
CA LEU C 63 -8.51 -12.10 7.12
C LEU C 63 -9.46 -10.96 7.52
N ASN C 64 -10.08 -10.35 6.54
CA ASN C 64 -11.10 -9.31 6.82
C ASN C 64 -12.50 -9.86 6.61
N HIS C 65 -13.24 -10.04 7.70
CA HIS C 65 -14.55 -10.69 7.66
C HIS C 65 -15.38 -10.22 8.87
N PRO C 66 -16.72 -10.07 8.73
CA PRO C 66 -17.51 -9.56 9.88
C PRO C 66 -17.49 -10.41 11.19
N ASN C 67 -17.19 -11.69 11.04
CA ASN C 67 -17.04 -12.63 12.17
C ASN C 67 -15.61 -13.04 12.54
N ILE C 68 -14.65 -12.19 12.15
CA ILE C 68 -13.29 -12.32 12.57
C ILE C 68 -12.92 -10.97 13.15
N VAL C 69 -12.31 -10.99 14.33
CA VAL C 69 -11.94 -9.75 14.98
C VAL C 69 -10.97 -8.94 14.06
N LYS C 70 -11.19 -7.62 14.00
CA LYS C 70 -10.48 -6.75 13.08
C LYS C 70 -9.25 -6.10 13.69
N LEU C 71 -8.11 -6.34 13.05
CA LEU C 71 -6.85 -5.72 13.41
C LEU C 71 -6.82 -4.35 12.72
N LEU C 72 -6.86 -3.28 13.51
CA LEU C 72 -6.87 -1.91 13.01
C LEU C 72 -5.49 -1.32 12.72
N ASP C 73 -4.50 -1.62 13.54
CA ASP C 73 -3.17 -0.98 13.43
C ASP C 73 -2.13 -1.82 14.20
N VAL C 74 -0.87 -1.67 13.78
CA VAL C 74 0.24 -2.30 14.45
C VAL C 74 1.23 -1.17 14.75
N ILE C 75 1.57 -0.98 16.01
CA ILE C 75 2.43 0.12 16.42
C ILE C 75 3.71 -0.48 17.00
N HIS C 76 4.83 -0.13 16.37
CA HIS C 76 6.19 -0.57 16.75
C HIS C 76 6.88 0.32 17.78
N THR C 77 7.70 -0.32 18.61
CA THR C 77 8.79 0.38 19.30
C THR C 77 9.96 -0.54 19.02
N GLU C 78 11.13 -0.08 19.42
CA GLU C 78 12.24 -0.97 19.72
C GLU C 78 11.89 -2.15 20.65
N ASN C 79 11.07 -1.89 21.69
CA ASN C 79 10.83 -2.84 22.81
C ASN C 79 9.46 -3.46 22.94
N LYS C 80 8.48 -2.87 22.26
CA LYS C 80 7.09 -3.23 22.41
C LYS C 80 6.41 -3.17 21.05
N LEU C 81 5.48 -4.06 20.85
CA LEU C 81 4.62 -4.03 19.72
C LEU C 81 3.23 -3.92 20.32
N TYR C 82 2.41 -3.02 19.78
CA TYR C 82 1.02 -2.90 20.18
C TYR C 82 0.16 -3.17 18.96
N LEU C 83 -0.78 -4.10 19.12
CA LEU C 83 -1.78 -4.40 18.13
C LEU C 83 -3.04 -3.70 18.57
N VAL C 84 -3.62 -2.92 17.65
CA VAL C 84 -4.87 -2.19 17.90
C VAL C 84 -6.02 -2.95 17.21
N PHE C 85 -6.99 -3.41 18.02
CA PHE C 85 -8.13 -4.17 17.55
C PHE C 85 -9.41 -3.41 17.79
N GLU C 86 -10.42 -3.68 16.95
CA GLU C 86 -11.78 -3.33 17.36
C GLU C 86 -12.06 -3.96 18.76
N PHE C 87 -12.76 -3.21 19.59
CA PHE C 87 -13.16 -3.63 20.92
C PHE C 87 -14.52 -4.35 20.83
N LEU C 88 -14.63 -5.54 21.41
CA LEU C 88 -15.94 -6.18 21.60
C LEU C 88 -16.27 -6.18 23.10
N HIS C 89 -17.52 -6.45 23.44
CA HIS C 89 -18.06 -6.14 24.78
C HIS C 89 -17.91 -7.28 25.80
N GLN C 90 -18.02 -8.53 25.39
CA GLN C 90 -17.62 -9.64 26.27
C GLN C 90 -17.32 -10.92 25.54
N ASP C 91 -16.79 -11.90 26.25
CA ASP C 91 -16.59 -13.24 25.65
C ASP C 91 -17.80 -14.15 25.89
N LEU C 92 -17.83 -15.26 25.14
CA LEU C 92 -18.97 -16.17 25.18
C LEU C 92 -19.05 -16.95 26.50
N LYS C 93 -17.89 -17.24 27.11
CA LYS C 93 -17.82 -17.85 28.44
C LYS C 93 -18.57 -16.99 29.47
N LYS C 94 -18.18 -15.73 29.63
CA LYS C 94 -18.91 -14.79 30.50
C LYS C 94 -20.40 -14.74 30.25
N PHE C 95 -20.76 -14.68 28.97
CA PHE C 95 -22.16 -14.60 28.56
C PHE C 95 -22.92 -15.86 28.96
N MET C 96 -22.29 -17.02 28.81
CA MET C 96 -22.89 -18.30 29.20
C MET C 96 -23.14 -18.37 30.71
N ASP C 97 -22.19 -17.91 31.53
CA ASP C 97 -22.38 -17.83 32.99
C ASP C 97 -23.50 -16.89 33.37
N ALA C 98 -23.52 -15.70 32.75
CA ALA C 98 -24.57 -14.72 32.97
C ALA C 98 -25.97 -15.27 32.62
N SER C 99 -25.99 -16.25 31.70
CA SER C 99 -27.20 -16.95 31.25
C SER C 99 -27.57 -18.21 32.06
N ALA C 100 -26.80 -18.55 33.11
CA ALA C 100 -26.90 -19.83 33.86
C ALA C 100 -28.32 -20.19 34.33
N LEU C 101 -28.91 -19.29 35.09
CA LEU C 101 -30.27 -19.46 35.54
C LEU C 101 -31.20 -19.49 34.30
N THR C 102 -31.27 -18.39 33.56
CA THR C 102 -32.29 -18.20 32.49
C THR C 102 -32.07 -18.96 31.12
N GLY C 103 -30.89 -19.54 30.84
CA GLY C 103 -30.58 -20.20 29.52
C GLY C 103 -30.34 -19.29 28.29
N ILE C 104 -29.54 -19.73 27.32
CA ILE C 104 -29.39 -18.97 26.05
C ILE C 104 -30.52 -19.37 25.06
N PRO C 105 -31.37 -18.41 24.62
CA PRO C 105 -32.43 -18.76 23.64
C PRO C 105 -31.89 -19.44 22.35
N LEU C 106 -32.66 -20.40 21.82
CA LEU C 106 -32.24 -21.18 20.63
C LEU C 106 -31.93 -20.29 19.39
N PRO C 107 -32.81 -19.31 19.09
CA PRO C 107 -32.50 -18.36 18.02
C PRO C 107 -31.09 -17.74 18.11
N LEU C 108 -30.68 -17.38 19.33
CA LEU C 108 -29.37 -16.77 19.55
C LEU C 108 -28.23 -17.79 19.41
N ILE C 109 -28.46 -19.02 19.88
CA ILE C 109 -27.48 -20.11 19.71
C ILE C 109 -27.26 -20.36 18.23
N LYS C 110 -28.37 -20.43 17.53
CA LYS C 110 -28.37 -20.70 16.08
C LYS C 110 -27.63 -19.60 15.32
N SER C 111 -28.00 -18.35 15.63
CA SER C 111 -27.32 -17.15 15.09
C SER C 111 -25.79 -17.20 15.33
N TYR C 112 -25.40 -17.44 16.60
CA TYR C 112 -23.96 -17.49 16.95
C TYR C 112 -23.24 -18.62 16.26
N LEU C 113 -23.84 -19.80 16.23
CA LEU C 113 -23.21 -20.91 15.50
C LEU C 113 -23.03 -20.63 14.00
N PHE C 114 -24.07 -20.02 13.41
CA PHE C 114 -24.09 -19.69 11.97
C PHE C 114 -22.94 -18.72 11.67
N GLN C 115 -22.88 -17.65 12.45
CA GLN C 115 -21.81 -16.63 12.33
C GLN C 115 -20.41 -17.21 12.53
N LEU C 116 -20.24 -18.09 13.52
CA LEU C 116 -18.93 -18.70 13.78
C LEU C 116 -18.51 -19.58 12.63
N LEU C 117 -19.48 -20.30 12.06
CA LEU C 117 -19.17 -21.12 10.88
C LEU C 117 -18.78 -20.25 9.69
N GLN C 118 -19.40 -19.09 9.54
CA GLN C 118 -18.99 -18.17 8.46
C GLN C 118 -17.56 -17.70 8.65
N GLY C 119 -17.24 -17.31 9.89
CA GLY C 119 -15.87 -16.90 10.20
C GLY C 119 -14.85 -18.00 9.98
N LEU C 120 -15.21 -19.21 10.39
CA LEU C 120 -14.33 -20.37 10.19
C LEU C 120 -14.18 -20.77 8.73
N ALA C 121 -15.27 -20.72 7.98
CA ALA C 121 -15.21 -21.05 6.53
C ALA C 121 -14.29 -20.08 5.81
N PHE C 122 -14.42 -18.81 6.19
CA PHE C 122 -13.48 -17.79 5.69
C PHE C 122 -12.00 -18.11 6.02
N CYS C 123 -11.72 -18.44 7.29
CA CYS C 123 -10.37 -18.91 7.69
C CYS C 123 -9.88 -20.07 6.84
N HIS C 124 -10.70 -21.11 6.74
CA HIS C 124 -10.28 -22.32 6.04
C HIS C 124 -10.06 -22.10 4.54
N SER C 125 -10.94 -21.30 3.92
CA SER C 125 -10.79 -20.82 2.52
C SER C 125 -9.54 -20.03 2.25
N HIS C 126 -8.97 -19.45 3.31
CA HIS C 126 -7.73 -18.67 3.19
C HIS C 126 -6.52 -19.35 3.81
N ARG C 127 -6.58 -20.67 3.80
CA ARG C 127 -5.53 -21.56 4.29
C ARG C 127 -5.04 -21.25 5.72
N VAL C 128 -5.98 -20.97 6.61
CA VAL C 128 -5.66 -20.69 8.01
C VAL C 128 -6.41 -21.64 8.92
N LEU C 129 -5.66 -22.31 9.82
CA LEU C 129 -6.24 -23.05 10.97
C LEU C 129 -6.21 -22.17 12.19
N HIS C 130 -7.28 -22.08 12.94
CA HIS C 130 -7.30 -21.30 14.15
C HIS C 130 -6.55 -22.06 15.29
N ARG C 131 -6.96 -23.31 15.53
CA ARG C 131 -6.32 -24.23 16.50
C ARG C 131 -6.47 -23.88 17.96
N ASP C 132 -7.47 -23.07 18.31
CA ASP C 132 -7.72 -22.71 19.69
C ASP C 132 -9.07 -22.10 19.88
N LEU C 133 -10.08 -22.70 19.23
CA LEU C 133 -11.46 -22.23 19.43
C LEU C 133 -11.97 -22.71 20.78
N LYS C 134 -12.50 -21.78 21.55
CA LYS C 134 -13.03 -22.10 22.87
C LYS C 134 -13.79 -20.86 23.25
N PRO C 135 -14.72 -20.95 24.20
CA PRO C 135 -15.57 -19.79 24.47
C PRO C 135 -14.90 -18.47 24.87
N GLN C 136 -13.69 -18.56 25.46
CA GLN C 136 -12.94 -17.39 25.94
C GLN C 136 -12.40 -16.59 24.75
N ASN C 137 -12.23 -17.27 23.61
CA ASN C 137 -11.73 -16.68 22.40
C ASN C 137 -12.81 -16.22 21.41
N LEU C 138 -14.07 -16.17 21.85
CA LEU C 138 -15.19 -15.88 20.98
C LEU C 138 -15.85 -14.71 21.61
N LEU C 139 -15.89 -13.59 20.88
CA LEU C 139 -16.25 -12.33 21.47
C LEU C 139 -17.52 -11.84 20.84
N ILE C 140 -18.41 -11.27 21.65
CA ILE C 140 -19.74 -10.85 21.20
C ILE C 140 -19.87 -9.37 21.40
N ASN C 141 -20.83 -8.77 20.68
CA ASN C 141 -21.20 -7.37 20.92
C ASN C 141 -22.67 -7.19 21.30
N THR C 142 -23.04 -5.94 21.55
CA THR C 142 -24.41 -5.63 21.97
C THR C 142 -25.39 -5.72 20.80
N GLU C 143 -24.87 -5.79 19.56
CA GLU C 143 -25.69 -5.86 18.35
C GLU C 143 -25.98 -7.26 17.78
N GLY C 144 -25.55 -8.32 18.47
CA GLY C 144 -25.84 -9.69 18.07
C GLY C 144 -24.74 -10.37 17.28
N ALA C 145 -23.61 -9.70 17.11
CA ALA C 145 -22.47 -10.31 16.42
C ALA C 145 -21.63 -11.16 17.39
N ILE C 146 -21.00 -12.19 16.84
CA ILE C 146 -19.95 -12.94 17.52
C ILE C 146 -18.78 -13.07 16.55
N LYS C 147 -17.55 -13.02 17.08
CA LYS C 147 -16.35 -13.04 16.26
C LYS C 147 -15.24 -13.93 16.82
N LEU C 148 -14.49 -14.58 15.94
CA LEU C 148 -13.31 -15.32 16.28
C LEU C 148 -12.19 -14.35 16.71
N ALA C 149 -11.54 -14.66 17.83
CA ALA C 149 -10.47 -13.84 18.38
C ALA C 149 -9.33 -14.75 18.88
N ASP C 150 -8.25 -14.11 19.30
CA ASP C 150 -6.97 -14.74 19.66
C ASP C 150 -6.44 -15.75 18.66
N PHE C 151 -5.82 -15.20 17.62
CA PHE C 151 -5.19 -15.99 16.59
C PHE C 151 -3.73 -16.29 16.89
N GLY C 152 -3.33 -16.23 18.17
CA GLY C 152 -1.94 -16.57 18.54
C GLY C 152 -1.48 -18.00 18.35
N LEU C 153 -2.43 -18.93 18.26
CA LEU C 153 -2.10 -20.33 17.98
C LEU C 153 -2.38 -20.72 16.54
N ALA C 154 -2.76 -19.74 15.72
CA ALA C 154 -3.14 -20.01 14.33
C ALA C 154 -1.94 -20.28 13.47
N ARG C 155 -2.19 -20.97 12.35
CA ARG C 155 -1.19 -21.10 11.33
C ARG C 155 -1.71 -21.27 9.89
N ALA C 156 -0.81 -20.94 8.97
CA ALA C 156 -1.00 -21.08 7.54
C ALA C 156 -0.69 -22.50 7.11
N PHE C 157 -1.66 -23.15 6.45
CA PHE C 157 -1.46 -24.53 6.00
C PHE C 157 -1.26 -24.65 4.49
N GLY C 158 -0.72 -25.78 4.06
CA GLY C 158 -0.51 -26.10 2.66
C GLY C 158 -1.47 -27.22 2.27
N VAL C 159 -1.62 -27.43 0.98
CA VAL C 159 -2.53 -28.44 0.45
C VAL C 159 -1.64 -29.38 -0.39
N PRO C 160 -1.49 -30.66 -0.03
CA PRO C 160 -2.04 -31.25 1.22
C PRO C 160 -1.18 -30.84 2.40
N VAL C 161 -1.71 -30.98 3.60
CA VAL C 161 -0.99 -30.55 4.78
C VAL C 161 0.26 -31.37 4.99
N ARG C 162 1.19 -30.82 5.76
CA ARG C 162 2.15 -31.68 6.48
C ARG C 162 1.89 -31.75 8.00
N THR C 163 2.82 -32.43 8.68
CA THR C 163 2.87 -32.50 10.12
C THR C 163 3.06 -31.12 10.69
N TYR C 164 2.17 -30.74 11.60
CA TYR C 164 2.27 -29.47 12.30
C TYR C 164 2.46 -29.73 13.80
N TPO C 165 2.56 -28.65 14.58
CA TPO C 165 2.77 -28.69 16.05
CB TPO C 165 2.72 -27.28 16.68
CG2 TPO C 165 3.02 -27.28 18.18
OG1 TPO C 165 3.70 -26.46 16.02
P TPO C 165 3.27 -25.23 15.03
O1P TPO C 165 4.56 -24.76 14.38
O2P TPO C 165 2.36 -25.89 14.03
O3P TPO C 165 2.48 -24.36 15.98
C TPO C 165 1.72 -29.53 16.69
O TPO C 165 0.53 -29.33 16.43
N HIS C 166 2.15 -30.47 17.52
CA HIS C 166 1.25 -31.39 18.22
C HIS C 166 0.53 -30.77 19.44
N GLU C 167 1.21 -29.87 20.14
CA GLU C 167 0.75 -29.37 21.44
C GLU C 167 -0.22 -28.26 21.11
N VAL C 168 -1.45 -28.64 20.75
CA VAL C 168 -2.33 -27.69 20.06
C VAL C 168 -3.79 -27.91 20.42
N VAL C 169 -4.50 -26.79 20.59
CA VAL C 169 -5.92 -26.73 20.98
C VAL C 169 -6.04 -27.00 22.47
N THR C 170 -6.89 -26.24 23.15
CA THR C 170 -7.11 -26.48 24.57
C THR C 170 -7.69 -27.89 24.72
N LEU C 171 -7.24 -28.60 25.75
CA LEU C 171 -7.57 -30.01 25.96
C LEU C 171 -9.06 -30.37 25.73
N TRP C 172 -9.99 -29.69 26.43
CA TRP C 172 -11.45 -29.95 26.33
C TRP C 172 -12.05 -29.93 24.87
N TYR C 173 -11.38 -29.17 23.98
CA TYR C 173 -11.87 -28.88 22.64
C TYR C 173 -10.98 -29.55 21.59
N ARG C 174 -10.11 -30.47 22.03
CA ARG C 174 -9.10 -31.08 21.16
C ARG C 174 -9.62 -32.34 20.45
N ALA C 175 -9.40 -32.40 19.14
CA ALA C 175 -9.90 -33.49 18.30
C ALA C 175 -9.18 -34.83 18.50
N PRO C 176 -9.87 -35.94 18.25
CA PRO C 176 -9.27 -37.23 18.51
C PRO C 176 -8.04 -37.51 17.67
N GLU C 177 -7.99 -37.01 16.45
CA GLU C 177 -6.78 -37.25 15.62
C GLU C 177 -5.46 -36.61 16.18
N ILE C 178 -5.60 -35.53 16.95
CA ILE C 178 -4.46 -34.93 17.64
C ILE C 178 -4.11 -35.80 18.87
N LEU C 179 -5.10 -36.10 19.72
CA LEU C 179 -4.92 -37.00 20.89
C LEU C 179 -4.29 -38.35 20.50
N LEU C 180 -4.62 -38.89 19.34
CA LEU C 180 -4.03 -40.16 18.91
C LEU C 180 -2.70 -40.00 18.20
N GLY C 181 -2.19 -38.77 18.10
CA GLY C 181 -0.83 -38.56 17.60
C GLY C 181 -0.74 -38.69 16.09
N CYS C 182 -1.80 -38.31 15.37
CA CYS C 182 -1.82 -38.45 13.97
C CYS C 182 -0.75 -37.58 13.37
N LYS C 183 -0.14 -38.10 12.32
CA LYS C 183 0.89 -37.43 11.58
C LYS C 183 0.39 -36.13 10.89
N TYR C 184 -0.85 -36.19 10.40
CA TYR C 184 -1.48 -35.09 9.73
C TYR C 184 -2.75 -34.76 10.49
N TYR C 185 -3.01 -33.47 10.63
CA TYR C 185 -4.33 -32.94 10.95
C TYR C 185 -4.61 -31.68 10.11
N SER C 186 -5.87 -31.27 10.09
CA SER C 186 -6.30 -30.20 9.24
C SER C 186 -7.51 -29.47 9.79
N THR C 187 -8.34 -28.94 8.89
CA THR C 187 -9.44 -27.99 9.21
C THR C 187 -10.48 -28.61 10.09
N ALA C 188 -10.61 -29.92 9.96
CA ALA C 188 -11.49 -30.73 10.77
C ALA C 188 -11.22 -30.50 12.27
N VAL C 189 -9.98 -30.22 12.71
CA VAL C 189 -9.76 -29.97 14.14
C VAL C 189 -10.55 -28.76 14.60
N ASP C 190 -10.66 -27.73 13.76
CA ASP C 190 -11.43 -26.52 14.16
C ASP C 190 -12.93 -26.81 14.25
N ILE C 191 -13.44 -27.59 13.31
CA ILE C 191 -14.86 -28.00 13.36
C ILE C 191 -15.15 -28.80 14.60
N TRP C 192 -14.21 -29.71 14.96
CA TRP C 192 -14.33 -30.50 16.22
C TRP C 192 -14.52 -29.57 17.42
N SER C 193 -13.64 -28.56 17.53
CA SER C 193 -13.79 -27.53 18.57
C SER C 193 -15.13 -26.82 18.54
N LEU C 194 -15.59 -26.40 17.36
CA LEU C 194 -16.91 -25.74 17.26
C LEU C 194 -18.10 -26.64 17.66
N GLY C 195 -18.01 -27.93 17.31
CA GLY C 195 -19.07 -28.88 17.72
C GLY C 195 -19.21 -29.01 19.23
N CYS C 196 -18.06 -28.99 19.93
CA CYS C 196 -18.05 -29.02 21.41
C CYS C 196 -18.69 -27.75 21.98
N ILE C 197 -18.49 -26.61 21.32
CA ILE C 197 -19.04 -25.28 21.75
C ILE C 197 -20.53 -25.11 21.49
N PHE C 198 -20.99 -25.67 20.37
CA PHE C 198 -22.44 -25.79 20.07
C PHE C 198 -23.18 -26.59 21.17
N ALA C 199 -22.64 -27.77 21.50
CA ALA C 199 -23.17 -28.59 22.63
C ALA C 199 -23.15 -27.81 23.93
N GLU C 200 -22.04 -27.09 24.18
CA GLU C 200 -21.87 -26.23 25.34
C GLU C 200 -22.82 -25.01 25.44
N MET C 201 -23.11 -24.29 24.35
CA MET C 201 -24.19 -23.27 24.39
C MET C 201 -25.59 -23.84 24.81
N VAL C 202 -25.93 -25.03 24.30
CA VAL C 202 -27.24 -25.66 24.58
C VAL C 202 -27.35 -26.05 26.08
N THR C 203 -26.38 -26.83 26.56
CA THR C 203 -26.40 -27.36 27.95
C THR C 203 -25.82 -26.40 29.02
N ARG C 204 -24.94 -25.52 28.60
CA ARG C 204 -24.15 -24.69 29.52
C ARG C 204 -23.11 -25.48 30.34
N ARG C 205 -22.67 -26.64 29.84
CA ARG C 205 -21.47 -27.27 30.35
C ARG C 205 -20.68 -27.92 29.24
N ALA C 206 -19.39 -28.00 29.46
CA ALA C 206 -18.47 -28.49 28.49
C ALA C 206 -18.80 -29.94 28.24
N LEU C 207 -18.73 -30.29 26.98
CA LEU C 207 -19.08 -31.62 26.54
C LEU C 207 -18.04 -32.70 26.96
N PHE C 208 -16.76 -32.40 26.87
CA PHE C 208 -15.71 -33.35 27.24
C PHE C 208 -14.67 -32.69 28.14
N PRO C 209 -15.01 -32.38 29.41
CA PRO C 209 -14.05 -31.72 30.29
C PRO C 209 -12.97 -32.68 30.87
N GLY C 210 -12.09 -33.25 30.03
CA GLY C 210 -11.08 -34.20 30.51
C GLY C 210 -9.94 -33.58 31.32
N ASP C 211 -9.31 -34.41 32.18
CA ASP C 211 -8.20 -33.98 33.08
C ASP C 211 -6.82 -34.43 32.63
N SER C 212 -6.73 -35.21 31.56
CA SER C 212 -5.43 -35.62 30.96
C SER C 212 -5.77 -36.04 29.54
N GLU C 213 -4.77 -36.29 28.71
CA GLU C 213 -5.01 -36.76 27.34
C GLU C 213 -5.83 -38.08 27.29
N ILE C 214 -5.47 -39.00 28.18
CA ILE C 214 -6.11 -40.30 28.21
C ILE C 214 -7.53 -40.18 28.80
N ASP C 215 -7.74 -39.32 29.80
CA ASP C 215 -9.08 -39.07 30.29
C ASP C 215 -9.98 -38.44 29.20
N GLN C 216 -9.43 -37.48 28.46
CA GLN C 216 -10.14 -36.82 27.35
C GLN C 216 -10.64 -37.86 26.33
N LEU C 217 -9.70 -38.73 25.89
CA LEU C 217 -10.02 -39.79 24.93
C LEU C 217 -11.12 -40.69 25.46
N PHE C 218 -11.00 -41.10 26.71
CA PHE C 218 -12.00 -41.97 27.32
C PHE C 218 -13.35 -41.27 27.44
N ARG C 219 -13.41 -39.96 27.70
CA ARG C 219 -14.69 -39.24 27.70
C ARG C 219 -15.39 -39.19 26.34
N ILE C 220 -14.59 -38.90 25.32
CA ILE C 220 -15.08 -38.87 23.93
C ILE C 220 -15.63 -40.25 23.54
N PHE C 221 -14.82 -41.28 23.78
CA PHE C 221 -15.17 -42.67 23.49
C PHE C 221 -16.46 -43.08 24.21
N ARG C 222 -16.65 -42.66 25.45
CA ARG C 222 -17.89 -42.95 26.11
C ARG C 222 -19.07 -42.32 25.46
N THR C 223 -18.92 -41.16 24.87
CA THR C 223 -20.07 -40.48 24.28
C THR C 223 -20.34 -41.02 22.90
N LEU C 224 -19.29 -41.22 22.15
CA LEU C 224 -19.44 -41.46 20.74
C LEU C 224 -19.16 -42.87 20.36
N GLY C 225 -18.75 -43.71 21.31
CA GLY C 225 -18.34 -45.05 21.03
C GLY C 225 -16.86 -45.09 20.74
N THR C 226 -16.21 -46.18 21.09
CA THR C 226 -14.79 -46.35 20.75
C THR C 226 -14.66 -46.58 19.23
N PRO C 227 -13.84 -45.76 18.55
CA PRO C 227 -13.77 -46.00 17.12
C PRO C 227 -13.01 -47.29 16.75
N ASP C 228 -13.53 -47.98 15.76
CA ASP C 228 -12.84 -49.10 15.16
C ASP C 228 -12.55 -48.84 13.67
N GLU C 229 -11.97 -49.83 13.00
CA GLU C 229 -11.67 -49.76 11.54
C GLU C 229 -12.88 -49.50 10.62
N VAL C 230 -14.05 -49.98 11.04
CA VAL C 230 -15.28 -49.67 10.30
C VAL C 230 -15.66 -48.18 10.40
N VAL C 231 -15.67 -47.63 11.62
CA VAL C 231 -16.08 -46.23 11.76
C VAL C 231 -14.98 -45.26 11.26
N TRP C 232 -13.72 -45.63 11.44
CA TRP C 232 -12.61 -44.74 11.15
C TRP C 232 -11.44 -45.54 10.65
N PRO C 233 -11.32 -45.76 9.31
CA PRO C 233 -10.19 -46.58 8.81
C PRO C 233 -8.80 -46.06 9.22
N GLY C 234 -7.90 -46.96 9.62
CA GLY C 234 -6.60 -46.59 10.03
C GLY C 234 -6.49 -46.20 11.48
N VAL C 235 -7.59 -46.06 12.26
CA VAL C 235 -7.45 -45.70 13.70
C VAL C 235 -6.47 -46.59 14.40
N THR C 236 -6.60 -47.89 14.14
CA THR C 236 -5.84 -48.85 14.90
C THR C 236 -4.36 -48.81 14.55
N SER C 237 -3.98 -48.24 13.40
CA SER C 237 -2.58 -48.00 13.10
C SER C 237 -2.06 -46.72 13.70
N MET C 238 -2.91 -45.84 14.21
CA MET C 238 -2.47 -44.54 14.68
C MET C 238 -1.52 -44.66 15.83
N PRO C 239 -0.50 -43.78 15.86
CA PRO C 239 0.61 -43.97 16.82
C PRO C 239 0.24 -44.16 18.27
N ASP C 240 -0.68 -43.35 18.80
CA ASP C 240 -1.01 -43.46 20.21
C ASP C 240 -2.31 -44.25 20.42
N TYR C 241 -2.75 -45.02 19.44
CA TYR C 241 -3.85 -45.93 19.66
C TYR C 241 -3.29 -47.14 20.43
N LYS C 242 -4.04 -47.63 21.43
CA LYS C 242 -3.62 -48.79 22.17
C LYS C 242 -4.69 -49.83 21.95
N PRO C 243 -4.31 -51.08 21.62
CA PRO C 243 -5.36 -52.11 21.51
C PRO C 243 -6.03 -52.43 22.86
N SER C 244 -5.40 -52.10 23.98
CA SER C 244 -6.03 -52.19 25.28
C SER C 244 -7.13 -51.13 25.54
N PHE C 245 -7.31 -50.09 24.72
CA PHE C 245 -8.41 -49.14 24.89
C PHE C 245 -9.73 -49.88 25.12
N PRO C 246 -10.48 -49.47 26.15
CA PRO C 246 -11.81 -50.04 26.33
C PRO C 246 -12.72 -49.79 25.14
N LYS C 247 -13.55 -50.76 24.82
CA LYS C 247 -14.41 -50.66 23.67
C LYS C 247 -15.81 -50.28 24.11
N TRP C 248 -16.10 -48.99 24.22
CA TRP C 248 -17.41 -48.56 24.66
C TRP C 248 -18.40 -48.43 23.49
N ALA C 249 -19.66 -48.74 23.79
CA ALA C 249 -20.72 -48.62 22.84
C ALA C 249 -21.05 -47.13 22.71
N ARG C 250 -21.58 -46.76 21.54
CA ARG C 250 -21.92 -45.38 21.23
C ARG C 250 -23.24 -44.94 21.90
N GLN C 251 -23.31 -43.69 22.35
CA GLN C 251 -24.56 -43.10 22.88
C GLN C 251 -25.38 -42.46 21.75
N ASP C 252 -26.69 -42.67 21.87
CA ASP C 252 -27.63 -42.03 20.97
C ASP C 252 -27.71 -40.53 21.34
N PHE C 253 -27.65 -39.70 20.30
CA PHE C 253 -27.51 -38.23 20.41
C PHE C 253 -28.58 -37.40 21.07
N SER C 254 -29.81 -37.91 21.09
CA SER C 254 -30.84 -37.32 21.91
C SER C 254 -30.51 -37.39 23.43
N LYS C 255 -29.64 -38.29 23.88
CA LYS C 255 -29.17 -38.20 25.26
C LYS C 255 -28.06 -37.18 25.35
N VAL C 256 -27.22 -37.08 24.32
CA VAL C 256 -26.05 -36.24 24.37
C VAL C 256 -26.49 -34.77 24.60
N VAL C 257 -27.46 -34.29 23.85
CA VAL C 257 -27.89 -32.90 24.01
C VAL C 257 -29.38 -32.89 23.99
N PRO C 258 -29.96 -33.30 25.12
CA PRO C 258 -31.39 -33.51 25.12
C PRO C 258 -32.29 -32.38 24.65
N PRO C 259 -31.96 -31.09 24.91
CA PRO C 259 -32.89 -30.08 24.34
C PRO C 259 -32.87 -29.94 22.81
N LEU C 260 -31.88 -30.52 22.13
CA LEU C 260 -31.67 -30.26 20.72
C LEU C 260 -32.65 -31.01 19.86
N ASP C 261 -33.22 -30.30 18.89
CA ASP C 261 -34.14 -30.83 17.90
C ASP C 261 -33.40 -31.75 16.93
N GLU C 262 -34.14 -32.40 16.06
CA GLU C 262 -33.57 -33.34 15.10
C GLU C 262 -32.50 -32.75 14.19
N ASP C 263 -32.75 -31.55 13.67
CA ASP C 263 -31.81 -30.89 12.78
C ASP C 263 -30.50 -30.56 13.52
N GLY C 264 -30.63 -30.01 14.71
CA GLY C 264 -29.47 -29.73 15.56
C GLY C 264 -28.64 -30.95 15.84
N ARG C 265 -29.32 -32.06 16.18
CA ARG C 265 -28.63 -33.31 16.48
C ARG C 265 -27.85 -33.82 15.29
N SER C 266 -28.45 -33.73 14.11
CA SER C 266 -27.78 -34.15 12.87
C SER C 266 -26.51 -33.34 12.63
N LEU C 267 -26.65 -32.02 12.83
CA LEU C 267 -25.54 -31.12 12.63
C LEU C 267 -24.39 -31.43 13.60
N LEU C 268 -24.74 -31.54 14.87
CA LEU C 268 -23.75 -31.85 15.88
C LEU C 268 -23.03 -33.16 15.57
N SER C 269 -23.78 -34.18 15.16
CA SER C 269 -23.18 -35.46 14.89
C SER C 269 -22.24 -35.37 13.71
N GLN C 270 -22.58 -34.57 12.71
CA GLN C 270 -21.65 -34.43 11.59
C GLN C 270 -20.38 -33.63 11.99
N MET C 271 -20.52 -32.70 12.91
CA MET C 271 -19.36 -31.97 13.42
C MET C 271 -18.46 -32.86 14.31
N LEU C 272 -19.05 -33.85 15.00
CA LEU C 272 -18.28 -34.72 15.90
C LEU C 272 -17.97 -36.09 15.28
N HIS C 273 -18.09 -36.20 13.97
CA HIS C 273 -17.66 -37.41 13.27
C HIS C 273 -16.18 -37.71 13.59
N TYR C 274 -15.85 -38.97 13.88
CA TYR C 274 -14.44 -39.38 14.11
C TYR C 274 -13.50 -39.17 12.93
N ASP C 275 -13.83 -39.73 11.77
CA ASP C 275 -12.94 -39.67 10.63
C ASP C 275 -12.94 -38.20 10.17
N PRO C 276 -11.77 -37.51 10.30
CA PRO C 276 -11.67 -36.11 9.84
C PRO C 276 -12.12 -35.87 8.38
N ASN C 277 -11.84 -36.83 7.49
CA ASN C 277 -12.38 -36.84 6.13
C ASN C 277 -13.89 -36.79 6.03
N LYS C 278 -14.61 -37.52 6.89
CA LYS C 278 -16.07 -37.45 6.90
C LYS C 278 -16.65 -36.30 7.74
N ARG C 279 -15.89 -35.65 8.62
CA ARG C 279 -16.41 -34.54 9.47
C ARG C 279 -16.80 -33.34 8.61
N ILE C 280 -17.95 -32.73 8.93
CA ILE C 280 -18.54 -31.72 8.05
C ILE C 280 -17.64 -30.51 7.98
N SER C 281 -17.49 -29.96 6.78
CA SER C 281 -16.79 -28.71 6.63
C SER C 281 -17.69 -27.57 7.13
N ALA C 282 -17.05 -26.47 7.47
CA ALA C 282 -17.77 -25.27 7.88
C ALA C 282 -18.67 -24.80 6.73
N LYS C 283 -18.10 -24.80 5.54
CA LYS C 283 -18.83 -24.39 4.34
C LYS C 283 -20.12 -25.22 4.16
N ALA C 284 -19.97 -26.55 4.25
CA ALA C 284 -21.11 -27.45 4.09
C ALA C 284 -22.11 -27.33 5.23
N ALA C 285 -21.61 -27.09 6.43
CA ALA C 285 -22.43 -26.89 7.62
C ALA C 285 -23.36 -25.66 7.49
N LEU C 286 -22.94 -24.57 6.84
CA LEU C 286 -23.81 -23.38 6.63
C LEU C 286 -25.10 -23.67 5.87
N ALA C 287 -25.08 -24.70 5.00
CA ALA C 287 -26.28 -25.15 4.27
C ALA C 287 -27.19 -26.13 5.02
N HIS C 288 -26.88 -26.45 6.28
CA HIS C 288 -27.57 -27.51 6.96
C HIS C 288 -28.93 -26.99 7.29
N PRO C 289 -29.94 -27.83 7.16
CA PRO C 289 -31.30 -27.35 7.48
C PRO C 289 -31.56 -26.69 8.84
N PHE C 290 -30.69 -26.95 9.82
CA PHE C 290 -30.77 -26.33 11.14
C PHE C 290 -30.84 -24.81 11.01
N PHE C 291 -30.16 -24.27 9.98
CA PHE C 291 -30.10 -22.83 9.77
C PHE C 291 -31.15 -22.23 8.82
N GLN C 292 -32.12 -23.00 8.34
CA GLN C 292 -33.15 -22.43 7.46
C GLN C 292 -33.93 -21.23 8.02
N ASP C 293 -34.24 -21.22 9.31
CA ASP C 293 -34.95 -20.08 9.90
C ASP C 293 -34.03 -19.11 10.64
N VAL C 294 -32.72 -19.13 10.37
CA VAL C 294 -31.79 -18.34 11.17
C VAL C 294 -32.06 -16.84 11.10
N THR C 295 -32.04 -16.20 12.26
CA THR C 295 -32.16 -14.75 12.34
C THR C 295 -30.95 -14.25 13.10
N LYS C 296 -30.96 -12.98 13.43
CA LYS C 296 -29.88 -12.39 14.17
C LYS C 296 -30.44 -11.62 15.34
N PRO C 297 -30.83 -12.33 16.40
CA PRO C 297 -31.24 -11.60 17.57
C PRO C 297 -30.10 -10.89 18.28
N VAL C 298 -30.54 -9.94 19.07
CA VAL C 298 -29.68 -9.12 19.89
C VAL C 298 -29.71 -9.70 21.31
N PRO C 299 -28.54 -9.99 21.91
CA PRO C 299 -28.60 -10.57 23.22
C PRO C 299 -28.97 -9.53 24.27
N HIS C 300 -29.47 -10.02 25.39
CA HIS C 300 -29.73 -9.20 26.55
C HIS C 300 -28.33 -8.96 27.13
N LEU C 301 -27.55 -8.07 26.53
CA LEU C 301 -26.31 -7.66 27.20
C LEU C 301 -26.74 -6.57 28.18
N ASP D 5 -12.37 -30.06 -0.86
CA ASP D 5 -13.46 -29.15 -0.39
C ASP D 5 -13.09 -27.64 -0.26
N TYR D 6 -11.92 -27.29 0.30
CA TYR D 6 -11.41 -25.92 0.26
C TYR D 6 -10.30 -25.80 -0.76
N HIS D 7 -10.03 -26.89 -1.48
CA HIS D 7 -8.83 -27.06 -2.28
C HIS D 7 -8.83 -25.98 -3.38
N GLU D 8 -10.00 -25.80 -4.02
CA GLU D 8 -10.10 -24.79 -5.07
C GLU D 8 -10.18 -23.34 -4.56
N ASP D 9 -10.92 -23.08 -3.49
CA ASP D 9 -10.85 -21.74 -2.83
C ASP D 9 -9.39 -21.36 -2.50
N ILE D 10 -8.62 -22.30 -1.96
CA ILE D 10 -7.24 -22.00 -1.55
C ILE D 10 -6.34 -21.72 -2.75
N HIS D 11 -6.44 -22.57 -3.77
CA HIS D 11 -5.75 -22.33 -5.04
C HIS D 11 -6.04 -20.94 -5.66
N THR D 12 -7.32 -20.61 -5.78
CA THR D 12 -7.72 -19.29 -6.28
C THR D 12 -7.10 -18.15 -5.47
N TYR D 13 -7.16 -18.28 -4.15
CA TYR D 13 -6.62 -17.27 -3.25
C TYR D 13 -5.11 -17.11 -3.40
N LEU D 14 -4.38 -18.22 -3.44
CA LEU D 14 -2.94 -18.16 -3.68
C LEU D 14 -2.58 -17.53 -5.03
N ARG D 15 -3.39 -17.78 -6.07
CA ARG D 15 -3.17 -17.10 -7.39
C ARG D 15 -3.31 -15.57 -7.33
N GLU D 16 -4.30 -15.11 -6.56
CA GLU D 16 -4.40 -13.70 -6.24
C GLU D 16 -3.21 -13.18 -5.41
N MET D 17 -2.83 -13.86 -4.33
CA MET D 17 -1.80 -13.34 -3.43
C MET D 17 -0.43 -13.40 -4.05
N GLU D 18 -0.19 -14.31 -5.00
CA GLU D 18 1.15 -14.38 -5.60
C GLU D 18 1.46 -13.13 -6.40
N VAL D 19 0.44 -12.49 -6.96
CA VAL D 19 0.61 -11.24 -7.67
C VAL D 19 0.96 -10.10 -6.71
N LYS D 20 0.36 -10.08 -5.52
CA LYS D 20 0.65 -9.05 -4.52
C LYS D 20 2.01 -9.15 -3.80
N CYS D 21 2.52 -10.37 -3.61
CA CYS D 21 3.84 -10.63 -2.99
C CYS D 21 4.96 -10.68 -4.00
N LYS D 22 4.68 -10.30 -5.25
CA LYS D 22 5.64 -10.41 -6.29
C LYS D 22 6.71 -9.31 -6.11
N PRO D 23 8.01 -9.69 -6.05
CA PRO D 23 9.06 -8.68 -6.09
C PRO D 23 9.03 -7.88 -7.37
N LYS D 24 9.86 -6.86 -7.39
CA LYS D 24 10.04 -5.96 -8.51
C LYS D 24 11.08 -6.59 -9.48
N VAL D 25 10.67 -6.85 -10.73
CA VAL D 25 11.47 -7.66 -11.68
C VAL D 25 12.84 -7.04 -11.93
N GLY D 26 12.88 -5.71 -12.00
CA GLY D 26 14.14 -5.05 -12.32
C GLY D 26 15.06 -4.63 -11.19
N TYR D 27 14.87 -5.14 -9.96
CA TYR D 27 15.42 -4.43 -8.80
C TYR D 27 16.94 -4.40 -8.72
N MET D 28 17.61 -5.43 -9.23
CA MET D 28 19.08 -5.51 -9.10
C MET D 28 19.83 -4.38 -9.87
N LYS D 29 19.23 -3.95 -10.97
CA LYS D 29 19.66 -2.79 -11.74
C LYS D 29 19.73 -1.54 -10.86
N LYS D 30 18.82 -1.43 -9.89
CA LYS D 30 18.77 -0.28 -8.99
C LYS D 30 19.54 -0.45 -7.69
N GLN D 31 20.20 -1.60 -7.51
CA GLN D 31 21.08 -1.83 -6.38
C GLN D 31 22.47 -1.46 -6.82
N PRO D 32 23.03 -0.37 -6.26
CA PRO D 32 24.37 0.05 -6.69
C PRO D 32 25.49 -0.93 -6.39
N ASP D 33 25.38 -1.66 -5.29
CA ASP D 33 26.50 -2.39 -4.72
C ASP D 33 26.39 -3.92 -4.82
N ILE D 34 25.21 -4.47 -5.12
CA ILE D 34 25.01 -5.91 -5.24
C ILE D 34 24.47 -6.30 -6.61
N THR D 35 24.65 -7.57 -6.94
CA THR D 35 24.37 -8.15 -8.26
C THR D 35 23.65 -9.47 -8.14
N ASN D 36 23.15 -9.94 -9.27
CA ASN D 36 22.51 -11.27 -9.35
C ASN D 36 23.44 -12.40 -8.90
N SER D 37 24.72 -12.24 -9.20
CA SER D 37 25.74 -13.22 -8.84
C SER D 37 25.98 -13.24 -7.31
N MET D 38 25.97 -12.07 -6.65
CA MET D 38 26.01 -12.05 -5.18
C MET D 38 24.77 -12.69 -4.60
N ARG D 39 23.61 -12.40 -5.18
CA ARG D 39 22.35 -13.02 -4.71
C ARG D 39 22.33 -14.53 -4.85
N ALA D 40 22.85 -15.03 -5.98
CA ALA D 40 22.99 -16.46 -6.21
C ALA D 40 23.85 -17.12 -5.13
N ILE D 41 24.97 -16.47 -4.81
CA ILE D 41 25.82 -16.91 -3.69
C ILE D 41 25.04 -16.99 -2.37
N LEU D 42 24.25 -15.96 -2.06
CA LEU D 42 23.45 -15.96 -0.84
C LEU D 42 22.42 -17.05 -0.78
N VAL D 43 21.67 -17.22 -1.87
CA VAL D 43 20.60 -18.22 -1.87
C VAL D 43 21.19 -19.64 -1.75
N ASP D 44 22.31 -19.85 -2.43
CA ASP D 44 23.04 -21.12 -2.33
C ASP D 44 23.47 -21.40 -0.89
N TRP D 45 24.00 -20.38 -0.23
CA TRP D 45 24.31 -20.48 1.20
C TRP D 45 23.07 -20.82 2.05
N LEU D 46 21.93 -20.18 1.79
CA LEU D 46 20.69 -20.56 2.49
C LEU D 46 20.27 -22.01 2.26
N VAL D 47 20.53 -22.55 1.06
CA VAL D 47 20.27 -23.97 0.82
C VAL D 47 21.07 -24.84 1.80
N GLU D 48 22.37 -24.56 1.92
CA GLU D 48 23.24 -25.28 2.89
C GLU D 48 22.70 -25.14 4.29
N VAL D 49 22.33 -23.92 4.68
CA VAL D 49 21.80 -23.68 6.03
C VAL D 49 20.57 -24.52 6.26
N GLY D 50 19.66 -24.53 5.28
CA GLY D 50 18.46 -25.39 5.35
C GLY D 50 18.76 -26.87 5.54
N GLU D 51 19.78 -27.36 4.83
CA GLU D 51 20.31 -28.74 5.06
C GLU D 51 20.85 -28.96 6.47
N GLU D 52 21.80 -28.10 6.84
CA GLU D 52 22.43 -28.18 8.15
C GLU D 52 21.42 -28.29 9.29
N TYR D 53 20.37 -27.48 9.29
CA TYR D 53 19.35 -27.50 10.39
C TYR D 53 18.10 -28.33 10.12
N LYS D 54 18.13 -29.04 8.99
CA LYS D 54 17.02 -29.88 8.57
C LYS D 54 15.72 -29.11 8.50
N LEU D 55 15.78 -28.00 7.77
CA LEU D 55 14.62 -27.13 7.62
C LEU D 55 13.79 -27.56 6.42
N GLN D 56 12.51 -27.24 6.46
CA GLN D 56 11.61 -27.51 5.33
C GLN D 56 12.03 -26.74 4.10
N ASN D 57 11.77 -27.30 2.93
CA ASN D 57 12.00 -26.56 1.69
C ASN D 57 11.12 -25.26 1.64
N GLU D 58 9.92 -25.31 2.25
CA GLU D 58 8.97 -24.17 2.27
C GLU D 58 9.63 -22.96 2.93
N THR D 59 10.33 -23.22 4.04
CA THR D 59 11.10 -22.23 4.76
C THR D 59 12.10 -21.52 3.85
N LEU D 60 12.85 -22.30 3.08
CA LEU D 60 13.80 -21.74 2.12
C LEU D 60 13.11 -20.84 1.08
N HIS D 61 11.99 -21.33 0.51
CA HIS D 61 11.26 -20.58 -0.53
C HIS D 61 10.72 -19.21 0.04
N LEU D 62 10.08 -19.25 1.21
CA LEU D 62 9.69 -18.05 1.97
C LEU D 62 10.82 -17.05 2.24
N ALA D 63 11.95 -17.54 2.70
CA ALA D 63 13.09 -16.70 2.95
C ALA D 63 13.51 -15.94 1.71
N VAL D 64 13.52 -16.63 0.58
CA VAL D 64 13.97 -16.02 -0.68
C VAL D 64 12.96 -14.94 -1.14
N ASN D 65 11.67 -15.23 -1.01
CA ASN D 65 10.61 -14.24 -1.21
C ASN D 65 10.82 -12.98 -0.36
N TYR D 66 11.08 -13.17 0.94
CA TYR D 66 11.32 -12.07 1.87
C TYR D 66 12.48 -11.23 1.42
N ILE D 67 13.55 -11.91 1.02
CA ILE D 67 14.75 -11.24 0.55
C ILE D 67 14.48 -10.41 -0.69
N ASP D 68 13.83 -11.02 -1.69
CA ASP D 68 13.60 -10.30 -2.96
C ASP D 68 12.68 -9.08 -2.76
N ARG D 69 11.66 -9.22 -1.93
CA ARG D 69 10.79 -8.09 -1.61
C ARG D 69 11.51 -6.99 -0.83
N PHE D 70 12.32 -7.36 0.18
CA PHE D 70 13.15 -6.39 0.93
C PHE D 70 14.10 -5.58 0.03
N LEU D 71 14.82 -6.30 -0.81
CA LEU D 71 15.74 -5.65 -1.75
C LEU D 71 15.03 -4.92 -2.90
N SER D 72 13.74 -5.16 -3.10
CA SER D 72 12.96 -4.38 -4.05
C SER D 72 12.82 -2.91 -3.62
N SER D 73 12.86 -2.64 -2.31
CA SER D 73 12.81 -1.24 -1.79
C SER D 73 13.97 -0.74 -0.90
N MET D 74 14.88 -1.62 -0.47
CA MET D 74 15.99 -1.19 0.40
C MET D 74 17.31 -1.48 -0.32
N SER D 75 18.06 -0.41 -0.51
CA SER D 75 19.39 -0.44 -1.00
C SER D 75 20.30 -1.04 0.08
N VAL D 76 21.11 -2.04 -0.28
CA VAL D 76 21.94 -2.76 0.70
C VAL D 76 23.36 -2.92 0.18
N LEU D 77 24.33 -2.58 1.01
CA LEU D 77 25.74 -2.82 0.69
C LEU D 77 26.09 -4.32 0.73
N ARG D 78 27.13 -4.73 -0.01
CA ARG D 78 27.44 -6.16 -0.12
C ARG D 78 27.80 -6.78 1.21
N GLY D 79 28.53 -6.04 2.03
CA GLY D 79 28.82 -6.45 3.40
C GLY D 79 27.61 -6.83 4.19
N LYS D 80 26.44 -6.28 3.86
CA LYS D 80 25.23 -6.54 4.67
C LYS D 80 24.24 -7.48 4.07
N LEU D 81 24.51 -7.97 2.87
CA LEU D 81 23.55 -8.85 2.18
C LEU D 81 23.26 -10.15 2.94
N GLN D 82 24.28 -10.72 3.54
CA GLN D 82 24.10 -11.93 4.34
C GLN D 82 23.32 -11.69 5.64
N LEU D 83 23.45 -10.49 6.21
CA LEU D 83 22.63 -10.14 7.39
C LEU D 83 21.13 -10.14 7.03
N VAL D 84 20.79 -9.55 5.90
CA VAL D 84 19.42 -9.56 5.38
C VAL D 84 18.93 -10.99 5.20
N GLY D 85 19.74 -11.80 4.52
CA GLY D 85 19.43 -13.21 4.31
C GLY D 85 19.28 -14.02 5.57
N THR D 86 20.15 -13.77 6.56
CA THR D 86 20.04 -14.48 7.86
C THR D 86 18.74 -14.15 8.58
N ALA D 87 18.39 -12.86 8.61
CA ALA D 87 17.14 -12.46 9.28
C ALA D 87 15.92 -13.00 8.53
N ALA D 88 16.01 -13.03 7.21
CA ALA D 88 14.92 -13.59 6.40
C ALA D 88 14.69 -15.05 6.72
N MET D 89 15.77 -15.81 6.85
CA MET D 89 15.68 -17.24 7.17
C MET D 89 15.12 -17.45 8.56
N LEU D 90 15.56 -16.62 9.52
CA LEU D 90 15.02 -16.64 10.89
C LEU D 90 13.52 -16.44 10.93
N LEU D 91 13.07 -15.42 10.20
CA LEU D 91 11.64 -15.10 10.14
C LEU D 91 10.84 -16.23 9.46
N ALA D 92 11.38 -16.72 8.36
CA ALA D 92 10.77 -17.86 7.65
C ALA D 92 10.68 -19.06 8.54
N SER D 93 11.74 -19.29 9.34
CA SER D 93 11.72 -20.42 10.28
C SER D 93 10.69 -20.21 11.34
N LYS D 94 10.58 -18.98 11.83
CA LYS D 94 9.59 -18.73 12.89
C LYS D 94 8.18 -18.89 12.35
N PHE D 95 7.98 -18.45 11.11
CA PHE D 95 6.62 -18.55 10.48
C PHE D 95 6.24 -20.01 10.25
N GLU D 96 7.17 -20.73 9.61
CA GLU D 96 6.90 -22.05 9.03
C GLU D 96 7.25 -23.30 9.88
N GLU D 97 8.31 -23.23 10.71
CA GLU D 97 8.84 -24.42 11.41
C GLU D 97 8.17 -24.72 12.72
N ILE D 98 8.01 -26.01 13.00
CA ILE D 98 7.50 -26.43 14.33
C ILE D 98 8.52 -26.08 15.44
N TYR D 99 9.80 -26.39 15.18
CA TYR D 99 10.97 -26.08 16.07
C TYR D 99 12.01 -25.29 15.27
N PRO D 100 11.85 -23.95 15.21
CA PRO D 100 12.83 -23.19 14.45
C PRO D 100 14.18 -23.23 15.18
N PRO D 101 15.31 -23.10 14.46
CA PRO D 101 16.52 -22.86 15.22
C PRO D 101 16.44 -21.57 16.03
N GLU D 102 17.13 -21.57 17.17
CA GLU D 102 17.16 -20.38 18.02
C GLU D 102 18.12 -19.37 17.42
N VAL D 103 18.02 -18.14 17.90
CA VAL D 103 18.73 -17.01 17.28
C VAL D 103 20.23 -17.22 17.28
N ALA D 104 20.73 -17.81 18.36
CA ALA D 104 22.17 -18.11 18.51
C ALA D 104 22.67 -18.99 17.39
N GLU D 105 21.84 -19.92 16.93
CA GLU D 105 22.25 -20.81 15.85
C GLU D 105 22.42 -20.00 14.56
N PHE D 106 21.52 -19.03 14.35
CA PHE D 106 21.63 -18.17 13.18
C PHE D 106 22.85 -17.26 13.26
N VAL D 107 23.21 -16.82 14.46
CA VAL D 107 24.49 -16.06 14.60
C VAL D 107 25.71 -16.95 14.30
N TYR D 108 25.70 -18.16 14.86
CA TYR D 108 26.79 -19.09 14.62
C TYR D 108 27.00 -19.32 13.12
N ILE D 109 25.97 -19.59 12.31
CA ILE D 109 26.25 -19.93 10.86
C ILE D 109 26.68 -18.75 9.99
N THR D 110 26.58 -17.51 10.46
CA THR D 110 27.25 -16.41 9.75
C THR D 110 28.73 -16.24 10.09
N ASP D 111 29.30 -17.17 10.88
CA ASP D 111 30.73 -17.17 11.29
C ASP D 111 31.15 -15.95 12.14
N ASP D 112 30.21 -15.46 12.95
CA ASP D 112 30.33 -14.16 13.66
C ASP D 112 30.83 -12.99 12.76
N THR D 113 30.38 -12.98 11.50
CA THR D 113 30.48 -11.78 10.65
C THR D 113 29.68 -10.67 11.37
N TYR D 114 28.51 -11.06 11.90
CA TYR D 114 27.55 -10.19 12.55
C TYR D 114 27.33 -10.61 13.99
N THR D 115 26.89 -9.66 14.81
CA THR D 115 26.54 -9.95 16.19
C THR D 115 25.09 -10.35 16.29
N LYS D 116 24.69 -10.82 17.45
CA LYS D 116 23.32 -11.17 17.69
C LYS D 116 22.35 -9.99 17.68
N LYS D 117 22.76 -8.85 18.21
CA LYS D 117 21.84 -7.73 18.26
C LYS D 117 21.64 -7.18 16.84
N GLN D 118 22.66 -7.28 15.98
CA GLN D 118 22.51 -6.97 14.57
C GLN D 118 21.48 -7.85 13.88
N VAL D 119 21.48 -9.15 14.20
CA VAL D 119 20.55 -10.09 13.61
C VAL D 119 19.15 -9.75 14.07
N LEU D 120 19.01 -9.46 15.36
CA LEU D 120 17.69 -9.14 15.90
C LEU D 120 17.13 -7.81 15.39
N ARG D 121 18.01 -6.83 15.24
CA ARG D 121 17.61 -5.56 14.65
C ARG D 121 17.24 -5.68 13.17
N MET D 122 18.00 -6.45 12.40
CA MET D 122 17.59 -6.71 10.99
C MET D 122 16.30 -7.46 10.93
N GLU D 123 16.06 -8.38 11.87
CA GLU D 123 14.79 -9.09 11.90
C GLU D 123 13.69 -8.07 11.92
N HIS D 124 13.80 -7.10 12.81
CA HIS D 124 12.72 -6.12 12.97
C HIS D 124 12.55 -5.18 11.75
N LEU D 125 13.66 -4.72 11.17
CA LEU D 125 13.66 -3.93 9.97
C LEU D 125 13.00 -4.67 8.84
N VAL D 126 13.31 -5.96 8.69
CA VAL D 126 12.68 -6.73 7.63
C VAL D 126 11.18 -6.75 7.87
N LEU D 127 10.73 -7.03 9.10
CA LEU D 127 9.30 -7.00 9.37
C LEU D 127 8.63 -5.66 9.02
N LYS D 128 9.28 -4.55 9.36
CA LYS D 128 8.75 -3.22 9.11
C LYS D 128 8.66 -3.06 7.58
N VAL D 129 9.70 -3.43 6.87
CA VAL D 129 9.72 -3.21 5.44
C VAL D 129 8.66 -4.02 4.70
N LEU D 130 8.42 -5.24 5.14
CA LEU D 130 7.43 -6.09 4.52
C LEU D 130 6.05 -5.86 5.12
N THR D 131 5.91 -4.86 6.03
CA THR D 131 4.68 -4.62 6.80
C THR D 131 4.01 -5.88 7.35
N PHE D 132 4.83 -6.79 7.87
CA PHE D 132 4.35 -8.07 8.42
C PHE D 132 3.62 -8.99 7.44
N ASP D 133 3.78 -8.79 6.14
CA ASP D 133 3.02 -9.61 5.16
C ASP D 133 3.88 -10.80 4.73
N LEU D 134 3.88 -11.82 5.59
CA LEU D 134 4.84 -12.93 5.51
C LEU D 134 4.25 -14.24 4.94
N ALA D 135 2.93 -14.32 4.87
CA ALA D 135 2.23 -15.51 4.39
C ALA D 135 2.19 -15.56 2.86
N ALA D 136 3.37 -15.58 2.24
CA ALA D 136 3.53 -15.48 0.81
C ALA D 136 3.37 -16.87 0.17
N PRO D 137 2.66 -16.94 -0.98
CA PRO D 137 2.70 -18.14 -1.81
C PRO D 137 4.09 -18.40 -2.41
N THR D 138 4.45 -19.68 -2.48
CA THR D 138 5.73 -20.10 -3.04
C THR D 138 5.54 -21.11 -4.18
N VAL D 139 6.61 -21.32 -4.96
CA VAL D 139 6.68 -22.42 -5.94
C VAL D 139 6.31 -23.76 -5.29
N ASN D 140 6.88 -23.97 -4.11
CA ASN D 140 6.64 -25.17 -3.37
C ASN D 140 5.15 -25.38 -3.06
N GLN D 141 4.43 -24.34 -2.66
CA GLN D 141 2.99 -24.50 -2.35
C GLN D 141 2.14 -24.86 -3.55
N PHE D 142 2.54 -24.38 -4.72
CA PHE D 142 1.83 -24.75 -5.93
C PHE D 142 2.17 -26.18 -6.33
N LEU D 143 3.46 -26.54 -6.35
CA LEU D 143 3.90 -27.90 -6.69
C LEU D 143 3.16 -28.98 -5.91
N THR D 144 3.04 -28.76 -4.63
CA THR D 144 2.41 -29.67 -3.70
C THR D 144 0.93 -29.96 -4.08
N GLN D 145 0.22 -28.92 -4.47
CA GLN D 145 -1.14 -29.09 -4.99
C GLN D 145 -1.16 -29.83 -6.35
N TYR D 146 -0.23 -29.46 -7.23
CA TYR D 146 -0.10 -30.07 -8.56
C TYR D 146 0.22 -31.57 -8.46
N PHE D 147 1.02 -31.96 -7.46
CA PHE D 147 1.34 -33.36 -7.20
C PHE D 147 0.11 -34.24 -6.98
N LEU D 148 -0.97 -33.69 -6.42
CA LEU D 148 -2.22 -34.46 -6.22
C LEU D 148 -2.91 -34.92 -7.52
N HIS D 149 -2.52 -34.34 -8.66
CA HIS D 149 -2.97 -34.78 -9.97
C HIS D 149 -2.10 -35.86 -10.62
N GLN D 150 -1.27 -36.59 -9.84
CA GLN D 150 -0.62 -37.81 -10.33
C GLN D 150 -1.47 -39.07 -10.09
N GLN D 151 -1.12 -40.11 -10.83
CA GLN D 151 -1.89 -41.34 -10.89
C GLN D 151 -0.98 -42.56 -11.19
N PRO D 152 -0.40 -43.21 -10.16
CA PRO D 152 -0.34 -42.73 -8.78
C PRO D 152 0.86 -41.80 -8.60
N ALA D 153 1.10 -41.32 -7.37
CA ALA D 153 2.25 -40.45 -7.11
C ALA D 153 3.52 -41.16 -7.53
N ASN D 154 4.41 -40.46 -8.22
CA ASN D 154 5.72 -40.97 -8.56
C ASN D 154 6.68 -40.09 -7.79
N CYS D 155 7.33 -40.66 -6.79
CA CYS D 155 8.13 -39.87 -5.89
C CYS D 155 9.40 -39.33 -6.56
N LYS D 156 9.91 -39.97 -7.61
CA LYS D 156 10.99 -39.34 -8.39
C LYS D 156 10.53 -38.07 -9.11
N VAL D 157 9.34 -38.12 -9.69
CA VAL D 157 8.74 -36.96 -10.37
C VAL D 157 8.62 -35.81 -9.36
N GLU D 158 8.14 -36.13 -8.17
CA GLU D 158 7.98 -35.14 -7.10
C GLU D 158 9.31 -34.52 -6.70
N SER D 159 10.30 -35.35 -6.38
CA SER D 159 11.61 -34.84 -5.97
C SER D 159 12.32 -34.08 -7.08
N LEU D 160 12.21 -34.54 -8.33
CA LEU D 160 12.79 -33.82 -9.46
C LEU D 160 12.12 -32.45 -9.71
N ALA D 161 10.80 -32.36 -9.49
CA ALA D 161 10.09 -31.05 -9.63
C ALA D 161 10.54 -30.03 -8.57
N MET D 162 10.61 -30.48 -7.32
CA MET D 162 11.16 -29.69 -6.23
C MET D 162 12.60 -29.27 -6.51
N PHE D 163 13.41 -30.19 -7.04
CA PHE D 163 14.78 -29.87 -7.47
C PHE D 163 14.81 -28.70 -8.47
N LEU D 164 14.01 -28.79 -9.52
CA LEU D 164 14.01 -27.75 -10.58
C LEU D 164 13.47 -26.41 -10.09
N GLY D 165 12.37 -26.45 -9.35
CA GLY D 165 11.82 -25.25 -8.70
C GLY D 165 12.83 -24.57 -7.81
N GLU D 166 13.61 -25.38 -7.10
CA GLU D 166 14.66 -24.86 -6.24
C GLU D 166 15.79 -24.21 -7.03
N LEU D 167 16.18 -24.80 -8.16
CA LEU D 167 17.20 -24.16 -8.99
C LEU D 167 16.78 -22.78 -9.49
N SER D 168 15.48 -22.58 -9.66
CA SER D 168 14.99 -21.28 -10.13
C SER D 168 15.23 -20.16 -9.10
N LEU D 169 15.29 -20.50 -7.80
CA LEU D 169 15.56 -19.53 -6.72
C LEU D 169 16.92 -18.86 -6.84
N ILE D 170 17.89 -19.57 -7.43
CA ILE D 170 19.28 -19.10 -7.48
C ILE D 170 19.50 -17.93 -8.45
N ASP D 171 18.75 -17.90 -9.55
CA ASP D 171 19.03 -16.99 -10.68
C ASP D 171 17.92 -15.94 -10.87
N ALA D 172 18.11 -14.74 -10.30
CA ALA D 172 17.11 -13.66 -10.43
C ALA D 172 16.79 -13.31 -11.89
N ASP D 173 17.80 -13.39 -12.75
CA ASP D 173 17.61 -13.34 -14.20
C ASP D 173 17.78 -14.77 -14.75
N PRO D 174 16.75 -15.43 -15.28
CA PRO D 174 15.45 -14.87 -15.67
C PRO D 174 14.24 -15.07 -14.72
N TYR D 175 14.35 -15.83 -13.63
CA TYR D 175 13.15 -16.34 -12.91
C TYR D 175 12.31 -15.32 -12.11
N LEU D 176 12.88 -14.18 -11.76
CA LEU D 176 12.09 -13.11 -11.08
C LEU D 176 10.91 -12.61 -11.92
N LYS D 177 10.94 -12.75 -13.24
CA LYS D 177 9.80 -12.32 -14.03
C LYS D 177 8.67 -13.34 -14.14
N TYR D 178 8.85 -14.56 -13.65
CA TYR D 178 7.79 -15.56 -13.69
C TYR D 178 7.17 -15.70 -12.31
N LEU D 179 5.86 -15.88 -12.31
CA LEU D 179 5.14 -16.11 -11.07
C LEU D 179 5.39 -17.54 -10.57
N PRO D 180 5.25 -17.74 -9.23
CA PRO D 180 5.45 -19.05 -8.62
C PRO D 180 4.64 -20.18 -9.22
N SER D 181 3.37 -19.90 -9.52
CA SER D 181 2.46 -20.90 -10.12
C SER D 181 2.94 -21.37 -11.52
N VAL D 182 3.60 -20.46 -12.24
CA VAL D 182 4.12 -20.74 -13.59
C VAL D 182 5.41 -21.52 -13.48
N ILE D 183 6.29 -21.14 -12.55
CA ILE D 183 7.52 -21.91 -12.32
C ILE D 183 7.19 -23.33 -11.86
N ALA D 184 6.23 -23.44 -10.96
CA ALA D 184 5.73 -24.73 -10.51
C ALA D 184 5.21 -25.56 -11.68
N GLY D 185 4.53 -24.91 -12.61
CA GLY D 185 3.98 -25.58 -13.79
C GLY D 185 5.06 -26.12 -14.67
N ALA D 186 6.03 -25.26 -15.01
CA ALA D 186 7.16 -25.65 -15.82
C ALA D 186 7.98 -26.78 -15.17
N ALA D 187 8.22 -26.65 -13.87
CA ALA D 187 8.96 -27.67 -13.11
C ALA D 187 8.22 -29.01 -13.07
N PHE D 188 6.91 -29.00 -12.84
CA PHE D 188 6.14 -30.25 -12.78
C PHE D 188 6.11 -30.97 -14.13
N HIS D 189 5.83 -30.21 -15.19
CA HIS D 189 5.88 -30.76 -16.53
C HIS D 189 7.26 -31.33 -16.90
N LEU D 190 8.32 -30.56 -16.67
CA LEU D 190 9.67 -30.98 -17.05
C LEU D 190 10.13 -32.23 -16.27
N ALA D 191 9.75 -32.33 -14.99
CA ALA D 191 10.03 -33.53 -14.16
C ALA D 191 9.29 -34.77 -14.64
N LEU D 192 8.01 -34.56 -14.91
CA LEU D 192 7.11 -35.62 -15.38
C LEU D 192 7.52 -36.19 -16.74
N TYR D 193 7.95 -35.32 -17.64
CA TYR D 193 8.44 -35.71 -18.96
C TYR D 193 9.79 -36.40 -18.87
N THR D 194 10.73 -35.82 -18.10
CA THR D 194 12.05 -36.42 -17.87
C THR D 194 11.96 -37.85 -17.32
N VAL D 195 11.13 -38.05 -16.29
CA VAL D 195 11.00 -39.37 -15.65
C VAL D 195 10.09 -40.36 -16.41
N THR D 196 8.85 -39.95 -16.73
CA THR D 196 7.84 -40.86 -17.31
C THR D 196 7.56 -40.67 -18.81
N GLY D 197 8.07 -39.60 -19.42
CA GLY D 197 7.70 -39.23 -20.79
C GLY D 197 6.37 -38.51 -20.96
N GLN D 198 5.58 -38.39 -19.88
CA GLN D 198 4.24 -37.80 -19.93
C GLN D 198 4.31 -36.29 -19.83
N SER D 199 3.14 -35.66 -20.03
CA SER D 199 3.01 -34.22 -20.10
C SER D 199 2.02 -33.63 -19.13
N TRP D 200 2.13 -32.32 -18.99
CA TRP D 200 1.28 -31.46 -18.20
C TRP D 200 -0.14 -31.98 -18.37
N PRO D 201 -0.74 -32.58 -17.31
CA PRO D 201 -2.04 -33.23 -17.48
C PRO D 201 -3.23 -32.29 -17.72
N GLU D 202 -4.20 -32.83 -18.47
CA GLU D 202 -5.51 -32.22 -18.73
C GLU D 202 -6.15 -31.61 -17.47
N SER D 203 -6.17 -32.37 -16.37
CA SER D 203 -6.80 -31.93 -15.12
C SER D 203 -6.18 -30.65 -14.55
N LEU D 204 -4.86 -30.46 -14.74
CA LEU D 204 -4.19 -29.21 -14.36
C LEU D 204 -4.44 -28.03 -15.31
N ILE D 205 -4.76 -28.32 -16.57
CA ILE D 205 -5.20 -27.27 -17.49
C ILE D 205 -6.54 -26.74 -16.94
N ARG D 206 -7.43 -27.65 -16.56
CA ARG D 206 -8.71 -27.27 -15.98
C ARG D 206 -8.55 -26.50 -14.66
N LYS D 207 -7.65 -26.93 -13.79
CA LYS D 207 -7.40 -26.24 -12.51
C LYS D 207 -6.76 -24.85 -12.65
N THR D 208 -5.67 -24.79 -13.40
CA THR D 208 -4.79 -23.60 -13.47
C THR D 208 -5.07 -22.66 -14.63
N GLY D 209 -5.66 -23.20 -15.70
CA GLY D 209 -5.80 -22.48 -16.95
C GLY D 209 -4.51 -22.39 -17.75
N TYR D 210 -3.42 -22.99 -17.28
CA TYR D 210 -2.17 -23.00 -18.02
C TYR D 210 -2.16 -24.19 -18.99
N THR D 211 -1.73 -23.92 -20.22
CA THR D 211 -1.49 -24.94 -21.22
C THR D 211 0.02 -25.01 -21.40
N LEU D 212 0.46 -26.01 -22.12
CA LEU D 212 1.88 -26.11 -22.45
C LEU D 212 2.34 -24.88 -23.22
N GLU D 213 1.48 -24.38 -24.11
CA GLU D 213 1.71 -23.11 -24.82
C GLU D 213 2.07 -22.00 -23.84
N SER D 214 1.22 -21.79 -22.83
CA SER D 214 1.41 -20.68 -21.90
C SER D 214 2.61 -20.87 -20.97
N LEU D 215 2.95 -22.12 -20.64
CA LEU D 215 4.19 -22.40 -19.88
C LEU D 215 5.47 -22.33 -20.70
N LYS D 216 5.38 -22.25 -22.02
CA LYS D 216 6.56 -22.43 -22.88
C LYS D 216 7.74 -21.50 -22.55
N PRO D 217 7.52 -20.18 -22.42
CA PRO D 217 8.70 -19.32 -22.17
C PRO D 217 9.52 -19.73 -20.91
N CYS D 218 8.81 -20.02 -19.81
CA CYS D 218 9.45 -20.47 -18.56
C CYS D 218 10.15 -21.81 -18.77
N LEU D 219 9.44 -22.74 -19.41
CA LEU D 219 9.96 -24.08 -19.75
C LEU D 219 11.25 -24.04 -20.56
N MET D 220 11.33 -23.10 -21.50
CA MET D 220 12.53 -22.92 -22.31
C MET D 220 13.67 -22.42 -21.43
N ASP D 221 13.40 -21.47 -20.53
CA ASP D 221 14.41 -21.06 -19.55
C ASP D 221 14.81 -22.21 -18.61
N LEU D 222 13.83 -22.94 -18.08
CA LEU D 222 14.08 -23.97 -17.06
C LEU D 222 14.83 -25.19 -17.59
N HIS D 223 14.52 -25.56 -18.83
CA HIS D 223 15.20 -26.62 -19.54
C HIS D 223 16.70 -26.30 -19.68
N GLN D 224 17.01 -25.07 -20.09
CA GLN D 224 18.40 -24.62 -20.20
C GLN D 224 19.13 -24.61 -18.86
N THR D 225 18.47 -24.15 -17.78
CA THR D 225 19.03 -24.20 -16.43
C THR D 225 19.36 -25.63 -15.99
N TYR D 226 18.46 -26.57 -16.30
CA TYR D 226 18.64 -28.00 -16.01
C TYR D 226 19.84 -28.59 -16.76
N LEU D 227 19.89 -28.33 -18.07
CA LEU D 227 21.00 -28.80 -18.89
C LEU D 227 22.34 -28.22 -18.46
N LYS D 228 22.37 -26.99 -17.97
CA LYS D 228 23.63 -26.38 -17.53
C LYS D 228 23.92 -26.49 -16.03
N ALA D 229 23.05 -27.16 -15.26
CA ALA D 229 23.20 -27.20 -13.80
C ALA D 229 24.60 -27.70 -13.38
N PRO D 230 25.12 -28.76 -14.03
CA PRO D 230 26.49 -29.16 -13.68
C PRO D 230 27.62 -28.09 -13.81
N GLN D 231 27.47 -27.07 -14.66
CA GLN D 231 28.51 -26.00 -14.83
C GLN D 231 28.29 -24.76 -13.97
N HIS D 232 27.11 -24.64 -13.38
CA HIS D 232 26.73 -23.44 -12.66
C HIS D 232 27.67 -23.24 -11.46
N ALA D 233 28.09 -22.00 -11.26
CA ALA D 233 28.96 -21.67 -10.13
C ALA D 233 28.43 -22.18 -8.78
N GLN D 234 27.14 -22.02 -8.55
CA GLN D 234 26.40 -22.59 -7.39
C GLN D 234 25.94 -24.04 -7.56
N GLN D 235 26.30 -24.86 -6.57
CA GLN D 235 26.14 -26.31 -6.63
C GLN D 235 25.44 -26.93 -5.45
N SER D 236 25.09 -26.16 -4.41
CA SER D 236 24.53 -26.78 -3.19
C SER D 236 23.21 -27.50 -3.40
N ILE D 237 22.43 -27.07 -4.40
CA ILE D 237 21.12 -27.70 -4.66
C ILE D 237 21.34 -29.07 -5.32
N ARG D 238 22.29 -29.14 -6.26
CA ARG D 238 22.69 -30.43 -6.85
C ARG D 238 23.19 -31.41 -5.79
N GLU D 239 24.02 -30.96 -4.84
CA GLU D 239 24.50 -31.85 -3.74
C GLU D 239 23.35 -32.35 -2.89
N LYS D 240 22.49 -31.44 -2.43
CA LYS D 240 21.34 -31.79 -1.59
C LYS D 240 20.50 -32.89 -2.21
N TYR D 241 20.24 -32.74 -3.52
CA TYR D 241 19.34 -33.67 -4.24
C TYR D 241 20.01 -34.96 -4.77
N LYS D 242 21.29 -35.19 -4.44
CA LYS D 242 21.88 -36.55 -4.48
C LYS D 242 21.40 -37.44 -3.34
N ASN D 243 20.87 -36.87 -2.27
CA ASN D 243 20.48 -37.68 -1.14
C ASN D 243 19.30 -38.60 -1.44
N SER D 244 19.30 -39.75 -0.79
CA SER D 244 18.24 -40.74 -0.91
C SER D 244 16.87 -40.22 -0.44
N LYS D 245 16.87 -39.31 0.53
CA LYS D 245 15.65 -38.59 0.92
C LYS D 245 14.96 -37.93 -0.30
N TYR D 246 15.73 -37.46 -1.29
CA TYR D 246 15.18 -36.90 -2.54
C TYR D 246 15.37 -37.82 -3.74
N HIS D 247 15.54 -39.12 -3.47
CA HIS D 247 15.71 -40.17 -4.48
C HIS D 247 16.84 -39.94 -5.47
N GLY D 248 17.89 -39.26 -5.01
CA GLY D 248 19.06 -38.99 -5.87
C GLY D 248 18.78 -38.34 -7.21
N VAL D 249 17.69 -37.58 -7.33
CA VAL D 249 17.20 -37.09 -8.64
C VAL D 249 18.14 -36.15 -9.39
N SER D 250 19.03 -35.48 -8.66
CA SER D 250 20.01 -34.62 -9.33
C SER D 250 20.95 -35.44 -10.19
N LEU D 251 21.00 -36.76 -9.98
CA LEU D 251 21.74 -37.69 -10.87
C LEU D 251 21.04 -38.06 -12.20
N LEU D 252 19.73 -37.81 -12.34
CA LEU D 252 19.01 -38.15 -13.57
C LEU D 252 19.43 -37.25 -14.72
N ASN D 253 19.38 -37.80 -15.93
CA ASN D 253 19.83 -37.08 -17.11
C ASN D 253 18.75 -36.18 -17.60
N PRO D 254 19.06 -34.89 -17.80
CA PRO D 254 18.02 -34.07 -18.39
C PRO D 254 17.81 -34.49 -19.86
N PRO D 255 16.59 -34.30 -20.41
CA PRO D 255 16.36 -34.62 -21.82
C PRO D 255 17.17 -33.70 -22.73
N GLU D 256 17.64 -34.21 -23.86
CA GLU D 256 18.32 -33.38 -24.87
C GLU D 256 17.37 -32.31 -25.45
N THR D 257 16.12 -32.68 -25.74
CA THR D 257 15.10 -31.75 -26.28
C THR D 257 13.71 -32.09 -25.72
N LEU D 258 12.78 -31.17 -25.94
CA LEU D 258 11.39 -31.27 -25.47
C LEU D 258 10.46 -31.37 -26.67
N ASN D 259 9.27 -31.94 -26.45
CA ASN D 259 8.25 -32.19 -27.50
C ASN D 259 7.10 -31.18 -27.50
N LEU D 260 6.94 -30.44 -28.59
CA LEU D 260 6.14 -29.21 -28.59
C LEU D 260 5.85 -28.71 -30.00
C4 55S E . 26.08 16.30 -0.58
C14 55S E . 20.92 23.21 0.38
C5 55S E . 24.78 16.59 -1.02
C6 55S E . 22.41 15.78 -0.82
C11 55S E . 21.01 19.36 0.58
C7 55S E . 20.34 14.93 -1.04
C8 55S E . 18.20 14.76 -1.02
C9 55S E . 19.76 16.13 -0.64
C10 55S E . 20.63 17.16 -0.32
C12 55S E . 20.42 20.73 0.37
C13 55S E . 21.46 21.81 0.65
N1 55S E . 21.65 14.73 -1.18
N2 55S E . 19.33 14.09 -1.30
C3 55S E . 27.06 17.26 -0.67
N3 55S E . 18.43 16.00 -0.64
O1 55S E . 27.87 20.42 -2.58
S 55S E . 28.03 19.74 -1.32
O 55S E . 29.30 19.13 -1.05
C1 55S E . 27.66 20.90 -0.02
C 55S E . 27.74 22.36 -0.36
C2 55S E . 26.77 18.52 -1.18
C19 55S E . 25.49 18.81 -1.61
C18 55S E . 24.49 17.86 -1.53
N 55S E . 23.73 15.60 -0.92
N4 55S E . 21.94 16.97 -0.39
O2 55S E . 20.08 18.35 0.12
C17 55S E . 19.84 20.88 -1.03
C16 55S E . 19.29 22.28 -1.27
C15 55S E . 20.36 23.33 -1.01
C4 55S F . -14.01 -6.99 26.74
C14 55S F . -7.79 -13.12 27.31
C5 55S F . -13.43 -7.76 25.72
C6 55S F . -11.98 -7.52 23.70
C11 55S F . -9.49 -10.29 25.31
C7 55S F . -11.00 -7.61 21.68
C8 55S F . -9.67 -8.17 20.08
C9 55S F . -10.11 -8.57 22.12
C10 55S F . -10.25 -8.99 23.44
C12 55S F . -8.62 -11.49 25.56
C13 55S F . -8.63 -11.87 27.05
N1 55S F . -11.96 -7.05 22.44
N2 55S F . -10.71 -7.38 20.39
C3 55S F . -14.52 -7.60 27.86
N3 55S F . -9.29 -8.92 21.10
O1 55S F . -15.70 -11.04 29.03
S 55S F . -15.13 -9.77 29.44
O 55S F . -15.98 -8.82 30.13
C1 55S F . -13.71 -10.09 30.47
C 55S F . -13.42 -11.53 30.79
C2 55S F . -14.46 -8.99 28.00
C19 55S F . -13.89 -9.76 26.99
C18 55S F . -13.38 -9.15 25.85
N 55S F . -12.90 -7.08 24.56
N4 55S F . -11.15 -8.43 24.22
O2 55S F . -9.40 -9.94 23.91
C17 55S F . -9.06 -12.68 24.71
C16 55S F . -8.22 -13.93 25.00
C15 55S F . -8.27 -14.28 26.47
#